data_5RAG
#
_entry.id   5RAG
#
_cell.length_a   57.660
_cell.length_b   93.750
_cell.length_c   93.500
_cell.angle_alpha   90.000
_cell.angle_beta   107.690
_cell.angle_gamma   90.000
#
_symmetry.space_group_name_H-M   'P 1 21 1'
#
loop_
_entity.id
_entity.type
_entity.pdbx_description
1 polymer 'Lysine-specific demethylase 3B'
2 non-polymer N-benzyl-1-(4-fluorophenyl)methanamine
3 non-polymer 'CHLORIDE ION'
4 non-polymer 'MANGANESE (II) ION'
5 water water
#
_entity_poly.entity_id   1
_entity_poly.type   'polypeptide(L)'
_entity_poly.pdbx_seq_one_letter_code
;MHHHHHHSSGVDLGTENLYFQSMTSHSWLCDGRLLCLHDPSNKNNWKIFRECWKQGQPVLVSGVHKKLKSELWKPEAFSQ
EFGDQDVDLVNCRNCAIISDVKVRDFWDGFEIICKRLRSEDGQPMVLKLKDWPPGEDFRDMMPTRFEDLMENLPLPEYTK
RDGRLNLASRLPSYFVRPDLGPKMYNAYGLITAEDRRVGTTNLHLDVSDAVNVMVYVGIPIGEGAHDEEVLKTIDEGDAD
EVTKERIHDHKEKPGALWHIYAAKDAEKIRELLRKVGEEQGQENPPDHDPIHDQSWYLDQTLRKRLYEEYGVQGWAIVQF
LGDAVFIPAGAPHQVHNLYSCIKVAEDFVSPEHVKHCFRLTQEFRHLSNTHT
;
_entity_poly.pdbx_strand_id   A,B
#
# COMPACT_ATOMS: atom_id res chain seq x y z
N SER A 22 -50.48 7.68 -4.19
CA SER A 22 -50.56 6.43 -4.95
C SER A 22 -49.10 5.97 -5.19
N MET A 23 -48.91 4.66 -5.38
N MET A 23 -48.90 4.66 -5.39
CA MET A 23 -47.57 4.05 -5.61
CA MET A 23 -47.56 4.06 -5.59
C MET A 23 -47.05 4.54 -6.99
C MET A 23 -47.03 4.40 -7.01
N THR A 24 -45.74 4.74 -7.08
CA THR A 24 -45.04 5.21 -8.30
C THR A 24 -43.68 4.54 -8.40
N SER A 25 -43.12 4.49 -9.61
CA SER A 25 -41.76 3.92 -9.86
C SER A 25 -40.67 4.76 -9.17
N HIS A 26 -40.76 6.09 -9.23
CA HIS A 26 -39.66 6.97 -8.79
C HIS A 26 -40.12 8.41 -8.57
N SER A 27 -39.21 9.21 -8.03
CA SER A 27 -39.37 10.67 -7.79
C SER A 27 -38.00 11.32 -7.92
N TRP A 28 -37.96 12.65 -8.05
CA TRP A 28 -36.73 13.45 -8.18
C TRP A 28 -36.52 14.23 -6.89
N LEU A 29 -35.41 13.96 -6.19
CA LEU A 29 -34.99 14.69 -4.96
C LEU A 29 -33.89 15.70 -5.34
N CYS A 30 -33.36 16.42 -4.34
CA CYS A 30 -32.32 17.45 -4.55
C CYS A 30 -32.82 18.41 -5.65
N ASP A 31 -34.08 18.82 -5.53
CA ASP A 31 -34.71 19.74 -6.55
C ASP A 31 -34.61 19.19 -7.98
N GLY A 32 -34.74 17.88 -8.23
CA GLY A 32 -34.59 17.28 -9.58
C GLY A 32 -33.29 16.58 -9.90
N ARG A 33 -32.24 16.83 -9.07
CA ARG A 33 -30.88 16.37 -9.40
C ARG A 33 -30.59 14.94 -8.89
N LEU A 34 -31.46 14.33 -8.09
CA LEU A 34 -31.25 12.97 -7.47
C LEU A 34 -32.44 12.04 -7.82
N LEU A 35 -32.19 10.94 -8.51
CA LEU A 35 -33.20 9.87 -8.75
C LEU A 35 -33.43 9.13 -7.42
N CYS A 36 -34.70 8.98 -7.01
N CYS A 36 -34.71 8.94 -7.05
CA CYS A 36 -35.14 8.07 -5.91
CA CYS A 36 -35.16 8.04 -5.95
C CYS A 36 -36.06 6.96 -6.45
C CYS A 36 -36.08 6.94 -6.48
N LEU A 37 -35.56 5.71 -6.56
CA LEU A 37 -36.37 4.53 -6.96
C LEU A 37 -37.15 3.99 -5.76
N HIS A 38 -38.41 3.60 -5.96
CA HIS A 38 -39.30 3.21 -4.82
C HIS A 38 -39.42 1.68 -4.62
N ASP A 39 -39.18 0.87 -5.62
CA ASP A 39 -39.48 -0.58 -5.62
C ASP A 39 -38.15 -1.29 -5.77
N PRO A 40 -37.47 -1.73 -4.67
CA PRO A 40 -36.08 -2.16 -4.77
C PRO A 40 -35.80 -3.38 -5.66
N SER A 41 -36.78 -4.23 -5.93
CA SER A 41 -36.60 -5.51 -6.66
C SER A 41 -37.17 -5.44 -8.07
N ASN A 42 -37.68 -4.28 -8.53
CA ASN A 42 -38.34 -4.24 -9.85
C ASN A 42 -37.35 -4.60 -10.98
N LYS A 43 -37.74 -5.56 -11.85
CA LYS A 43 -36.90 -6.01 -12.97
C LYS A 43 -36.65 -4.91 -14.02
N ASN A 44 -37.42 -3.82 -14.04
CA ASN A 44 -37.24 -2.73 -15.04
C ASN A 44 -36.55 -1.50 -14.42
N ASN A 45 -36.06 -1.58 -13.19
CA ASN A 45 -35.38 -0.42 -12.57
C ASN A 45 -34.22 0.11 -13.45
N TRP A 46 -33.46 -0.79 -14.08
CA TRP A 46 -32.30 -0.39 -14.93
C TRP A 46 -32.70 0.62 -16.01
N LYS A 47 -33.93 0.56 -16.53
CA LYS A 47 -34.37 1.52 -17.59
C LYS A 47 -34.37 2.95 -17.07
N ILE A 48 -34.65 3.15 -15.79
CA ILE A 48 -34.72 4.49 -15.15
C ILE A 48 -33.32 4.90 -14.64
N PHE A 49 -32.60 3.96 -14.04
CA PHE A 49 -31.27 4.12 -13.41
C PHE A 49 -30.18 4.52 -14.41
N ARG A 50 -30.20 3.89 -15.59
N ARG A 50 -30.10 3.87 -15.56
CA ARG A 50 -29.00 3.74 -16.49
CA ARG A 50 -28.82 3.83 -16.31
C ARG A 50 -28.48 5.11 -16.94
C ARG A 50 -28.43 5.21 -16.86
N GLU A 51 -29.36 6.06 -17.28
CA GLU A 51 -28.90 7.38 -17.79
C GLU A 51 -28.37 8.29 -16.69
N CYS A 52 -29.02 8.29 -15.49
CA CYS A 52 -28.55 9.06 -14.33
C CYS A 52 -27.13 8.57 -13.95
N TRP A 53 -26.97 7.26 -13.92
CA TRP A 53 -25.68 6.64 -13.57
C TRP A 53 -24.58 7.01 -14.57
N LYS A 54 -24.91 6.96 -15.87
CA LYS A 54 -23.94 7.26 -16.97
C LYS A 54 -23.45 8.70 -16.77
N GLN A 55 -24.29 9.65 -16.32
CA GLN A 55 -23.92 11.08 -16.12
C GLN A 55 -23.12 11.29 -14.84
N GLY A 56 -22.87 10.27 -14.03
CA GLY A 56 -21.99 10.38 -12.85
C GLY A 56 -22.77 10.83 -11.61
N GLN A 57 -24.10 10.70 -11.61
CA GLN A 57 -24.92 11.06 -10.41
C GLN A 57 -25.02 9.91 -9.42
N PRO A 58 -25.06 10.22 -8.11
CA PRO A 58 -25.55 9.23 -7.14
C PRO A 58 -27.03 8.95 -7.37
N VAL A 59 -27.52 7.83 -6.80
CA VAL A 59 -28.92 7.35 -6.89
C VAL A 59 -29.32 6.85 -5.50
N LEU A 60 -30.58 7.07 -5.10
CA LEU A 60 -31.12 6.52 -3.83
C LEU A 60 -32.17 5.47 -4.22
N VAL A 61 -32.21 4.33 -3.52
CA VAL A 61 -33.29 3.32 -3.65
C VAL A 61 -33.91 3.05 -2.29
N SER A 62 -35.24 3.25 -2.13
CA SER A 62 -35.87 3.08 -0.79
C SER A 62 -36.51 1.68 -0.69
N GLY A 63 -36.74 1.25 0.58
CA GLY A 63 -37.58 0.06 0.81
C GLY A 63 -36.83 -1.24 1.02
N VAL A 64 -35.48 -1.27 1.03
CA VAL A 64 -34.69 -2.52 1.10
C VAL A 64 -34.94 -3.24 2.46
N HIS A 65 -35.22 -2.52 3.54
CA HIS A 65 -35.50 -3.11 4.90
C HIS A 65 -36.68 -4.08 4.81
N LYS A 66 -37.67 -3.79 3.98
CA LYS A 66 -38.89 -4.66 3.83
C LYS A 66 -38.55 -6.01 3.15
N LYS A 67 -37.39 -6.16 2.52
CA LYS A 67 -36.93 -7.38 1.81
C LYS A 67 -36.08 -8.25 2.74
N LEU A 68 -35.60 -7.71 3.87
CA LEU A 68 -34.59 -8.38 4.72
C LEU A 68 -35.29 -9.12 5.87
N LYS A 69 -34.56 -10.02 6.49
CA LYS A 69 -34.95 -10.72 7.77
C LYS A 69 -34.55 -9.83 8.95
N SER A 70 -35.49 -9.06 9.49
CA SER A 70 -35.22 -8.00 10.51
C SER A 70 -34.51 -8.55 11.75
N GLU A 71 -34.74 -9.83 12.10
CA GLU A 71 -34.07 -10.43 13.29
C GLU A 71 -32.55 -10.59 13.13
N LEU A 72 -32.01 -10.64 11.90
CA LEU A 72 -30.58 -10.80 11.64
C LEU A 72 -29.82 -9.46 11.81
N TRP A 73 -30.51 -8.32 11.91
CA TRP A 73 -29.84 -6.99 11.80
C TRP A 73 -29.98 -6.18 13.10
N LYS A 74 -30.23 -6.84 14.24
CA LYS A 74 -30.40 -6.16 15.56
C LYS A 74 -29.08 -6.09 16.33
N PRO A 75 -28.80 -4.97 17.00
CA PRO A 75 -27.60 -4.80 17.83
C PRO A 75 -27.46 -5.88 18.94
N GLU A 76 -28.55 -6.23 19.58
CA GLU A 76 -28.52 -7.24 20.68
C GLU A 76 -28.07 -8.60 20.12
N ALA A 77 -28.45 -8.99 18.90
CA ALA A 77 -27.97 -10.27 18.31
C ALA A 77 -26.46 -10.23 18.04
N PHE A 78 -25.90 -9.12 17.52
CA PHE A 78 -24.45 -9.01 17.27
C PHE A 78 -23.69 -9.12 18.60
N SER A 79 -24.22 -8.52 19.66
CA SER A 79 -23.56 -8.61 20.99
C SER A 79 -23.58 -10.05 21.53
N GLN A 80 -24.69 -10.74 21.41
CA GLN A 80 -24.89 -12.12 21.94
C GLN A 80 -23.98 -13.09 21.20
N GLU A 81 -23.92 -12.98 19.87
CA GLU A 81 -23.18 -13.95 19.01
C GLU A 81 -21.69 -13.68 18.97
N PHE A 82 -21.21 -12.41 19.01
CA PHE A 82 -19.84 -12.02 18.67
C PHE A 82 -19.15 -11.19 19.76
N GLY A 83 -19.81 -11.02 20.92
CA GLY A 83 -19.42 -10.04 21.96
C GLY A 83 -18.04 -10.20 22.58
N ASP A 84 -17.46 -11.42 22.52
CA ASP A 84 -16.11 -11.67 23.10
C ASP A 84 -14.96 -11.43 22.12
N GLN A 85 -15.21 -10.95 20.90
CA GLN A 85 -14.11 -10.57 19.98
C GLN A 85 -13.44 -9.27 20.42
N ASP A 86 -12.13 -9.17 20.20
CA ASP A 86 -11.33 -7.97 20.48
C ASP A 86 -11.31 -7.00 19.27
N VAL A 87 -11.51 -5.72 19.53
CA VAL A 87 -11.68 -4.66 18.49
C VAL A 87 -11.06 -3.36 18.96
N ASP A 88 -10.92 -2.39 18.04
CA ASP A 88 -10.59 -0.98 18.34
C ASP A 88 -11.81 -0.11 17.99
N LEU A 89 -12.04 0.93 18.80
CA LEU A 89 -13.08 1.96 18.59
C LEU A 89 -12.41 3.30 18.30
N VAL A 90 -13.14 4.24 17.72
CA VAL A 90 -12.75 5.66 17.58
C VAL A 90 -13.75 6.57 18.28
N ASN A 91 -13.24 7.49 19.10
CA ASN A 91 -14.02 8.61 19.68
C ASN A 91 -14.26 9.63 18.55
N CYS A 92 -15.46 9.69 18.00
CA CYS A 92 -15.75 10.57 16.82
C CYS A 92 -15.47 12.06 17.10
N ARG A 93 -15.58 12.54 18.36
CA ARG A 93 -15.41 13.96 18.73
C ARG A 93 -13.94 14.41 18.61
N ASN A 94 -12.95 13.60 18.99
CA ASN A 94 -11.52 14.00 19.09
C ASN A 94 -10.59 13.05 18.29
N CYS A 95 -11.10 12.04 17.56
CA CYS A 95 -10.28 11.02 16.83
C CYS A 95 -9.41 10.11 17.72
N ALA A 96 -9.57 10.10 19.04
CA ALA A 96 -8.81 9.23 19.96
C ALA A 96 -9.17 7.76 19.67
N ILE A 97 -8.16 6.89 19.59
CA ILE A 97 -8.38 5.43 19.37
C ILE A 97 -8.52 4.76 20.74
N ILE A 98 -9.59 3.97 20.93
CA ILE A 98 -9.73 3.13 22.13
C ILE A 98 -9.37 1.71 21.71
N SER A 99 -8.16 1.28 22.08
CA SER A 99 -7.52 0.02 21.62
C SER A 99 -7.94 -1.18 22.47
N ASP A 100 -8.13 -2.30 21.82
CA ASP A 100 -8.17 -3.66 22.40
C ASP A 100 -9.24 -3.74 23.49
N VAL A 101 -10.51 -3.50 23.10
CA VAL A 101 -11.68 -3.68 23.99
C VAL A 101 -12.60 -4.77 23.41
N LYS A 102 -13.53 -5.33 24.18
CA LYS A 102 -14.48 -6.35 23.66
C LYS A 102 -15.57 -5.67 22.85
N VAL A 103 -15.96 -6.31 21.76
CA VAL A 103 -16.97 -5.66 20.90
C VAL A 103 -18.33 -5.53 21.61
N ARG A 104 -18.63 -6.32 22.65
CA ARG A 104 -19.89 -6.08 23.43
C ARG A 104 -19.87 -4.68 24.08
N ASP A 105 -18.72 -4.14 24.39
CA ASP A 105 -18.64 -2.80 25.07
C ASP A 105 -19.16 -1.73 24.10
N PHE A 106 -19.00 -1.93 22.77
CA PHE A 106 -19.63 -1.05 21.76
C PHE A 106 -21.13 -1.36 21.66
N TRP A 107 -21.48 -2.62 21.35
CA TRP A 107 -22.87 -3.00 21.04
C TRP A 107 -23.85 -2.70 22.19
N ASP A 108 -23.46 -2.98 23.44
CA ASP A 108 -24.41 -2.80 24.58
C ASP A 108 -24.82 -1.34 24.83
N GLY A 109 -24.02 -0.35 24.40
CA GLY A 109 -24.34 1.07 24.45
C GLY A 109 -24.90 1.63 23.14
N PHE A 110 -25.23 0.79 22.16
CA PHE A 110 -25.68 1.29 20.81
C PHE A 110 -26.90 2.19 20.99
N GLU A 111 -27.91 1.75 21.75
CA GLU A 111 -29.18 2.50 21.93
C GLU A 111 -29.39 2.94 23.39
N ILE A 112 -28.66 2.38 24.35
CA ILE A 112 -28.88 2.67 25.80
C ILE A 112 -27.74 3.57 26.30
N ILE A 113 -27.96 4.89 26.41
CA ILE A 113 -26.89 5.89 26.64
C ILE A 113 -26.19 5.62 27.98
N CYS A 114 -26.92 5.23 29.03
CA CYS A 114 -26.30 4.99 30.37
C CYS A 114 -25.32 3.79 30.38
N LYS A 115 -25.20 2.96 29.33
CA LYS A 115 -24.23 1.83 29.25
C LYS A 115 -22.99 2.27 28.48
N ARG A 116 -22.99 3.48 27.88
CA ARG A 116 -21.83 3.88 27.02
C ARG A 116 -20.55 4.19 27.80
N LEU A 117 -19.40 3.80 27.24
CA LEU A 117 -18.07 4.25 27.70
C LEU A 117 -18.06 5.77 27.81
N ARG A 118 -17.42 6.31 28.87
CA ARG A 118 -17.38 7.76 29.17
C ARG A 118 -15.98 8.34 28.95
N SER A 119 -15.95 9.57 28.45
CA SER A 119 -14.71 10.39 28.36
C SER A 119 -14.40 10.95 29.76
N GLU A 120 -13.21 11.54 29.91
CA GLU A 120 -12.68 11.98 31.23
C GLU A 120 -13.54 13.12 31.80
N ASP A 121 -14.25 13.87 30.93
CA ASP A 121 -15.22 14.90 31.35
C ASP A 121 -16.48 14.29 31.96
N GLY A 122 -16.65 12.95 31.98
CA GLY A 122 -17.83 12.29 32.53
C GLY A 122 -18.98 12.13 31.55
N GLN A 123 -18.85 12.58 30.29
CA GLN A 123 -19.92 12.42 29.26
C GLN A 123 -19.85 11.08 28.54
N PRO A 124 -21.01 10.57 28.07
CA PRO A 124 -21.02 9.38 27.25
C PRO A 124 -20.38 9.69 25.87
N MET A 125 -19.48 8.83 25.40
CA MET A 125 -18.83 9.09 24.08
C MET A 125 -19.74 8.72 22.90
N VAL A 126 -19.48 9.41 21.78
CA VAL A 126 -19.96 9.00 20.42
C VAL A 126 -18.87 8.17 19.77
N LEU A 127 -19.13 6.86 19.62
CA LEU A 127 -18.10 5.89 19.18
C LEU A 127 -18.41 5.30 17.80
N LYS A 128 -17.33 5.01 17.07
CA LYS A 128 -17.36 4.30 15.77
C LYS A 128 -16.59 2.98 15.99
N LEU A 129 -17.17 1.86 15.59
CA LEU A 129 -16.54 0.51 15.62
C LEU A 129 -15.66 0.36 14.35
N LYS A 130 -14.35 0.27 14.54
CA LYS A 130 -13.37 0.22 13.41
C LYS A 130 -13.28 -1.20 12.83
N ASP A 131 -13.34 -1.32 11.49
CA ASP A 131 -12.87 -2.52 10.74
C ASP A 131 -13.45 -3.80 11.35
N TRP A 132 -14.78 -3.91 11.37
CA TRP A 132 -15.51 -5.06 11.99
C TRP A 132 -16.74 -5.40 11.18
N PRO A 133 -16.94 -6.66 10.77
CA PRO A 133 -15.92 -7.70 10.76
C PRO A 133 -14.64 -7.27 10.01
N PRO A 134 -13.45 -7.77 10.41
CA PRO A 134 -12.20 -7.29 9.86
C PRO A 134 -11.89 -7.79 8.42
N GLY A 135 -11.26 -6.91 7.66
CA GLY A 135 -10.83 -7.16 6.26
C GLY A 135 -11.96 -7.74 5.43
N GLU A 136 -11.75 -8.91 4.82
CA GLU A 136 -12.74 -9.61 3.95
C GLU A 136 -13.51 -10.70 4.69
N ASP A 137 -13.58 -10.72 6.03
CA ASP A 137 -14.10 -11.85 6.82
C ASP A 137 -15.64 -11.84 7.02
N PHE A 138 -16.41 -10.87 6.45
CA PHE A 138 -17.89 -10.82 6.66
C PHE A 138 -18.51 -12.18 6.31
N ARG A 139 -18.26 -12.73 5.10
CA ARG A 139 -18.94 -13.96 4.58
C ARG A 139 -18.64 -15.16 5.49
N ASP A 140 -17.38 -15.33 5.88
CA ASP A 140 -16.94 -16.44 6.77
C ASP A 140 -17.60 -16.29 8.15
N MET A 141 -17.60 -15.07 8.71
CA MET A 141 -18.09 -14.87 10.10
C MET A 141 -19.62 -14.91 10.17
N MET A 142 -20.33 -14.41 9.13
CA MET A 142 -21.78 -14.17 9.14
C MET A 142 -22.41 -14.68 7.85
N PRO A 143 -22.40 -16.01 7.56
CA PRO A 143 -22.97 -16.50 6.32
C PRO A 143 -24.46 -16.26 6.09
N THR A 144 -25.34 -16.30 7.09
CA THR A 144 -26.78 -16.08 6.93
C THR A 144 -27.03 -14.59 6.61
N ARG A 145 -26.30 -13.68 7.25
CA ARG A 145 -26.39 -12.21 6.96
C ARG A 145 -25.90 -11.95 5.54
N PHE A 146 -24.79 -12.55 5.14
CA PHE A 146 -24.23 -12.41 3.77
C PHE A 146 -25.32 -12.77 2.75
N GLU A 147 -25.95 -13.94 2.88
CA GLU A 147 -27.01 -14.41 1.95
C GLU A 147 -28.19 -13.43 1.94
N ASP A 148 -28.64 -12.97 3.11
CA ASP A 148 -29.82 -12.07 3.22
C ASP A 148 -29.53 -10.74 2.50
N LEU A 149 -28.34 -10.21 2.65
CA LEU A 149 -27.96 -8.91 2.01
C LEU A 149 -27.83 -9.15 0.51
N MET A 150 -26.99 -10.10 0.10
CA MET A 150 -26.63 -10.19 -1.33
C MET A 150 -27.85 -10.55 -2.20
N GLU A 151 -28.79 -11.34 -1.73
CA GLU A 151 -30.00 -11.73 -2.49
C GLU A 151 -31.03 -10.58 -2.58
N ASN A 152 -30.84 -9.48 -1.85
CA ASN A 152 -31.84 -8.39 -1.78
C ASN A 152 -31.23 -7.04 -2.22
N LEU A 153 -30.01 -7.02 -2.71
CA LEU A 153 -29.40 -5.76 -3.23
C LEU A 153 -30.15 -5.31 -4.48
N PRO A 154 -30.51 -4.01 -4.58
CA PRO A 154 -31.10 -3.48 -5.82
C PRO A 154 -30.11 -3.44 -6.98
N LEU A 155 -30.61 -3.35 -8.23
CA LEU A 155 -29.82 -3.26 -9.47
C LEU A 155 -28.81 -4.43 -9.52
N PRO A 156 -29.31 -5.68 -9.38
CA PRO A 156 -28.45 -6.85 -9.19
C PRO A 156 -27.51 -7.14 -10.37
N GLU A 157 -27.79 -6.71 -11.60
CA GLU A 157 -26.82 -6.94 -12.72
C GLU A 157 -25.56 -6.09 -12.48
N TYR A 158 -25.67 -4.93 -11.79
CA TYR A 158 -24.51 -4.10 -11.38
C TYR A 158 -23.88 -4.58 -10.07
N THR A 159 -24.68 -4.96 -9.06
CA THR A 159 -24.23 -5.04 -7.65
C THR A 159 -23.82 -6.47 -7.22
N LYS A 160 -24.35 -7.51 -7.83
CA LYS A 160 -23.99 -8.92 -7.43
C LYS A 160 -22.57 -9.23 -7.89
N ARG A 161 -21.86 -10.13 -7.17
CA ARG A 161 -20.41 -10.38 -7.46
C ARG A 161 -20.26 -10.84 -8.92
N ASP A 162 -21.24 -11.61 -9.42
CA ASP A 162 -21.34 -12.26 -10.75
C ASP A 162 -22.32 -11.52 -11.67
N GLY A 163 -22.78 -10.31 -11.33
CA GLY A 163 -23.66 -9.56 -12.24
C GLY A 163 -23.06 -9.40 -13.61
N ARG A 164 -23.90 -9.39 -14.63
CA ARG A 164 -23.44 -9.18 -16.02
C ARG A 164 -22.77 -7.81 -16.20
N LEU A 165 -23.21 -6.76 -15.50
CA LEU A 165 -22.63 -5.41 -15.61
C LEU A 165 -21.66 -5.09 -14.47
N ASN A 166 -21.18 -6.10 -13.74
CA ASN A 166 -20.11 -5.86 -12.74
C ASN A 166 -18.83 -6.42 -13.36
N LEU A 167 -17.88 -5.55 -13.69
CA LEU A 167 -16.64 -5.99 -14.35
C LEU A 167 -15.60 -6.45 -13.29
N ALA A 168 -15.90 -6.44 -11.99
CA ALA A 168 -14.84 -6.65 -10.96
C ALA A 168 -14.07 -7.95 -11.18
N SER A 169 -14.73 -9.06 -11.51
CA SER A 169 -14.08 -10.39 -11.66
C SER A 169 -13.48 -10.58 -13.04
N ARG A 170 -13.58 -9.61 -13.94
CA ARG A 170 -13.25 -9.73 -15.38
C ARG A 170 -12.12 -8.79 -15.81
N LEU A 171 -11.49 -8.07 -14.92
CA LEU A 171 -10.47 -7.08 -15.39
C LEU A 171 -9.05 -7.57 -15.11
N PRO A 172 -8.09 -7.20 -15.98
CA PRO A 172 -6.70 -7.54 -15.67
C PRO A 172 -6.09 -6.53 -14.71
N SER A 173 -4.80 -6.72 -14.42
CA SER A 173 -4.10 -6.06 -13.30
C SER A 173 -3.80 -4.60 -13.64
N TYR A 174 -4.06 -4.16 -14.86
CA TYR A 174 -4.01 -2.73 -15.27
C TYR A 174 -5.14 -1.95 -14.55
N PHE A 175 -6.06 -2.63 -13.87
CA PHE A 175 -7.18 -1.99 -13.11
C PHE A 175 -7.06 -2.35 -11.65
N VAL A 176 -7.29 -1.38 -10.76
CA VAL A 176 -7.40 -1.65 -9.29
C VAL A 176 -8.73 -2.37 -9.04
N ARG A 177 -8.71 -3.56 -8.47
CA ARG A 177 -9.89 -4.39 -8.21
C ARG A 177 -10.31 -4.19 -6.75
N PRO A 178 -11.62 -4.13 -6.44
CA PRO A 178 -12.06 -4.06 -5.03
C PRO A 178 -11.83 -5.34 -4.24
N ASP A 179 -11.74 -5.21 -2.90
CA ASP A 179 -11.60 -6.39 -2.00
C ASP A 179 -12.95 -7.11 -2.10
N LEU A 180 -13.01 -8.38 -1.66
CA LEU A 180 -14.26 -9.14 -1.51
C LEU A 180 -15.06 -8.54 -0.33
N GLY A 181 -16.33 -8.29 -0.56
CA GLY A 181 -17.16 -7.52 0.41
C GLY A 181 -18.17 -8.51 0.95
N PRO A 182 -19.26 -8.05 1.56
CA PRO A 182 -19.42 -6.64 1.91
C PRO A 182 -18.65 -6.22 3.16
N LYS A 183 -18.76 -4.93 3.50
CA LYS A 183 -18.14 -4.29 4.70
C LYS A 183 -19.24 -3.66 5.55
N MET A 184 -19.16 -3.82 6.88
CA MET A 184 -20.15 -3.29 7.81
C MET A 184 -19.58 -2.00 8.41
N TYR A 185 -20.43 -0.99 8.59
CA TYR A 185 -20.06 0.33 9.13
C TYR A 185 -21.03 0.67 10.28
N ASN A 186 -20.51 0.64 11.51
CA ASN A 186 -21.30 0.72 12.76
C ASN A 186 -20.81 1.89 13.59
N ALA A 187 -21.72 2.79 14.00
CA ALA A 187 -21.34 3.98 14.77
C ALA A 187 -22.57 4.57 15.43
N TYR A 188 -22.31 5.21 16.58
CA TYR A 188 -23.36 5.94 17.33
C TYR A 188 -23.76 7.21 16.54
N GLY A 189 -24.87 7.83 16.92
CA GLY A 189 -25.29 9.14 16.38
C GLY A 189 -24.54 10.27 17.04
N LEU A 190 -24.29 11.33 16.29
CA LEU A 190 -23.77 12.61 16.81
C LEU A 190 -24.94 13.34 17.48
N ILE A 191 -24.67 14.07 18.57
CA ILE A 191 -25.75 14.49 19.49
C ILE A 191 -25.83 16.02 19.66
N THR A 192 -24.75 16.69 19.94
CA THR A 192 -24.74 18.10 20.40
C THR A 192 -24.58 19.13 19.26
N ALA A 193 -24.76 20.42 19.60
CA ALA A 193 -24.52 21.53 18.64
C ALA A 193 -23.07 21.50 18.16
N GLU A 194 -22.10 21.27 19.05
CA GLU A 194 -20.66 21.17 18.70
C GLU A 194 -20.44 19.98 17.76
N ASP A 195 -21.17 18.88 17.96
CA ASP A 195 -21.06 17.65 17.12
C ASP A 195 -21.48 17.93 15.65
N ARG A 196 -22.17 19.04 15.34
CA ARG A 196 -22.71 19.27 13.97
C ARG A 196 -21.54 19.40 12.96
N ARG A 197 -20.35 19.82 13.39
CA ARG A 197 -19.18 20.10 12.55
C ARG A 197 -18.25 18.88 12.40
N VAL A 198 -18.60 17.74 13.02
CA VAL A 198 -17.81 16.47 13.09
C VAL A 198 -18.38 15.49 12.06
N GLY A 199 -17.52 14.67 11.45
CA GLY A 199 -17.96 13.55 10.61
C GLY A 199 -17.95 12.22 11.34
N THR A 200 -18.84 11.33 10.97
CA THR A 200 -18.72 9.89 11.29
C THR A 200 -17.64 9.28 10.39
N THR A 201 -17.73 9.54 9.08
CA THR A 201 -16.69 9.20 8.08
C THR A 201 -16.30 10.48 7.32
N ASN A 202 -15.05 10.88 7.40
CA ASN A 202 -14.54 12.12 6.78
C ASN A 202 -14.56 12.02 5.24
N LEU A 203 -14.45 13.18 4.62
CA LEU A 203 -14.42 13.34 3.13
C LEU A 203 -13.32 12.48 2.51
N HIS A 204 -13.67 11.60 1.58
CA HIS A 204 -12.74 10.67 0.88
C HIS A 204 -13.34 10.25 -0.46
N LEU A 205 -12.58 9.55 -1.30
CA LEU A 205 -13.15 8.90 -2.49
C LEU A 205 -12.65 7.46 -2.61
N ASP A 206 -13.39 6.66 -3.38
CA ASP A 206 -13.11 5.23 -3.67
C ASP A 206 -12.95 5.10 -5.18
N VAL A 207 -12.06 4.24 -5.67
CA VAL A 207 -11.90 4.06 -7.14
C VAL A 207 -12.86 3.04 -7.75
N SER A 208 -13.62 2.32 -6.94
N SER A 208 -13.62 2.33 -6.92
CA SER A 208 -14.76 1.47 -7.40
CA SER A 208 -14.75 1.45 -7.32
C SER A 208 -16.09 2.17 -7.08
C SER A 208 -16.08 2.17 -7.07
N ASP A 209 -17.15 1.71 -7.73
CA ASP A 209 -18.53 2.10 -7.35
C ASP A 209 -18.89 1.40 -6.03
N ALA A 210 -19.91 1.88 -5.33
CA ALA A 210 -20.42 1.17 -4.13
C ALA A 210 -21.92 1.36 -3.96
N VAL A 211 -22.56 0.38 -3.32
CA VAL A 211 -23.97 0.51 -2.82
C VAL A 211 -23.93 0.38 -1.29
N ASN A 212 -24.48 1.32 -0.57
CA ASN A 212 -24.45 1.36 0.92
C ASN A 212 -25.90 1.25 1.40
N VAL A 213 -26.23 0.19 2.17
CA VAL A 213 -27.63 -0.08 2.63
C VAL A 213 -27.76 0.19 4.13
N MET A 214 -28.71 1.02 4.55
CA MET A 214 -29.02 1.25 5.99
C MET A 214 -29.94 0.11 6.46
N VAL A 215 -29.38 -0.83 7.25
CA VAL A 215 -30.14 -2.07 7.64
C VAL A 215 -30.75 -1.89 9.03
N TYR A 216 -30.30 -0.94 9.84
CA TYR A 216 -30.87 -0.71 11.20
C TYR A 216 -30.58 0.74 11.64
N VAL A 217 -31.55 1.39 12.28
CA VAL A 217 -31.40 2.73 12.92
C VAL A 217 -31.85 2.61 14.40
N GLY A 218 -30.96 2.93 15.33
CA GLY A 218 -31.28 2.94 16.76
C GLY A 218 -31.49 4.34 17.26
N ILE A 219 -32.68 4.62 17.78
CA ILE A 219 -33.01 5.95 18.37
C ILE A 219 -33.04 5.77 19.87
N PRO A 220 -32.06 6.31 20.61
CA PRO A 220 -31.90 5.94 22.01
C PRO A 220 -32.94 6.40 23.02
N ILE A 221 -32.57 6.08 24.27
CA ILE A 221 -33.22 6.34 25.59
C ILE A 221 -32.10 6.59 26.62
N GLY A 222 -32.30 7.64 27.45
CA GLY A 222 -31.44 8.08 28.56
C GLY A 222 -31.25 9.59 28.53
N GLU A 223 -30.48 10.05 27.54
CA GLU A 223 -30.66 11.36 26.87
C GLU A 223 -31.61 11.12 25.68
N GLY A 224 -32.83 10.68 25.98
CA GLY A 224 -33.90 10.34 25.01
C GLY A 224 -34.99 11.38 25.01
N ALA A 225 -35.09 12.16 23.92
CA ALA A 225 -35.89 13.39 23.71
C ALA A 225 -35.05 14.41 22.93
N HIS A 226 -34.23 13.92 21.98
CA HIS A 226 -33.06 14.61 21.37
C HIS A 226 -33.39 14.99 19.91
N ASP A 227 -34.68 15.22 19.63
CA ASP A 227 -35.28 15.40 18.28
C ASP A 227 -34.80 16.71 17.65
N GLU A 228 -34.63 17.78 18.44
CA GLU A 228 -34.59 19.17 17.93
C GLU A 228 -33.25 19.44 17.22
N GLU A 229 -32.13 18.97 17.80
CA GLU A 229 -30.77 19.17 17.21
C GLU A 229 -30.65 18.37 15.89
N VAL A 230 -31.30 17.21 15.77
CA VAL A 230 -31.41 16.42 14.49
C VAL A 230 -32.13 17.22 13.38
N LEU A 231 -33.24 17.93 13.64
CA LEU A 231 -33.91 18.82 12.62
C LEU A 231 -33.01 20.00 12.16
N LYS A 232 -32.33 20.65 13.09
N LYS A 232 -32.34 20.67 13.10
CA LYS A 232 -31.39 21.77 12.80
CA LYS A 232 -31.38 21.77 12.83
C LYS A 232 -30.21 21.27 11.95
C LYS A 232 -30.22 21.25 11.95
N THR A 233 -29.75 20.04 12.20
CA THR A 233 -28.59 19.44 11.45
C THR A 233 -28.98 19.18 9.98
N ILE A 234 -30.16 18.62 9.76
CA ILE A 234 -30.71 18.34 8.41
C ILE A 234 -30.92 19.67 7.66
N ASP A 235 -31.47 20.67 8.37
CA ASP A 235 -31.79 21.96 7.71
C ASP A 235 -30.50 22.72 7.30
N GLU A 236 -29.55 22.86 8.21
CA GLU A 236 -28.23 23.52 7.98
C GLU A 236 -27.37 22.67 7.01
N GLY A 237 -27.62 21.36 6.97
CA GLY A 237 -27.02 20.41 6.02
C GLY A 237 -27.48 20.62 4.61
N ASP A 238 -28.49 21.51 4.34
CA ASP A 238 -28.98 21.89 2.99
C ASP A 238 -29.92 20.84 2.40
N ALA A 239 -30.58 20.00 3.21
CA ALA A 239 -31.58 19.00 2.75
C ALA A 239 -32.76 19.70 2.05
N ASP A 240 -33.34 19.07 1.01
CA ASP A 240 -34.45 19.66 0.21
C ASP A 240 -35.77 19.53 0.98
N GLU A 241 -36.83 20.14 0.45
CA GLU A 241 -38.17 20.21 1.12
C GLU A 241 -38.85 18.84 1.14
N VAL A 242 -38.75 18.03 0.07
CA VAL A 242 -39.34 16.66 0.03
C VAL A 242 -38.68 15.79 1.14
N THR A 243 -37.36 15.81 1.24
CA THR A 243 -36.61 15.09 2.31
C THR A 243 -37.19 15.45 3.68
N LYS A 244 -37.50 16.73 3.90
CA LYS A 244 -38.05 17.15 5.21
C LYS A 244 -39.44 16.53 5.43
N GLU A 245 -40.21 16.34 4.36
CA GLU A 245 -41.56 15.72 4.45
C GLU A 245 -41.48 14.22 4.84
N ARG A 246 -40.39 13.45 4.55
CA ARG A 246 -40.32 12.01 4.94
C ARG A 246 -40.37 11.82 6.48
N ILE A 247 -39.84 12.80 7.22
CA ILE A 247 -39.90 12.88 8.72
C ILE A 247 -41.31 13.27 9.18
N HIS A 248 -41.72 14.51 8.83
CA HIS A 248 -42.92 15.19 9.38
C HIS A 248 -44.19 14.46 8.97
N ASP A 249 -44.25 13.85 7.77
CA ASP A 249 -45.49 13.30 7.17
C ASP A 249 -45.60 11.76 7.36
N HIS A 250 -44.50 10.99 7.23
CA HIS A 250 -44.52 9.49 7.17
C HIS A 250 -43.83 8.84 8.38
N LYS A 251 -43.16 9.63 9.24
CA LYS A 251 -42.44 9.23 10.48
C LYS A 251 -41.43 8.09 10.20
N GLU A 252 -40.81 8.05 9.01
CA GLU A 252 -39.62 7.18 8.75
C GLU A 252 -38.46 7.57 9.69
N LYS A 253 -37.57 6.61 10.00
CA LYS A 253 -36.39 6.78 10.89
C LYS A 253 -35.18 7.26 10.07
N PRO A 254 -34.69 8.50 10.26
CA PRO A 254 -33.52 9.01 9.56
C PRO A 254 -32.25 8.51 10.22
N GLY A 255 -31.33 7.97 9.43
CA GLY A 255 -30.08 7.44 9.95
C GLY A 255 -28.88 8.36 9.83
N ALA A 256 -28.55 8.82 8.60
CA ALA A 256 -27.31 9.57 8.36
C ALA A 256 -27.48 10.67 7.30
N LEU A 257 -26.76 11.77 7.47
CA LEU A 257 -26.66 12.87 6.45
C LEU A 257 -25.36 12.70 5.66
N TRP A 258 -25.51 12.57 4.33
CA TRP A 258 -24.38 12.44 3.38
C TRP A 258 -24.19 13.77 2.63
N HIS A 259 -22.97 14.10 2.25
CA HIS A 259 -22.72 15.05 1.14
C HIS A 259 -21.88 14.29 0.12
N ILE A 260 -22.30 14.33 -1.15
CA ILE A 260 -21.58 13.66 -2.26
C ILE A 260 -21.30 14.73 -3.32
N TYR A 261 -20.12 14.65 -3.92
CA TYR A 261 -19.65 15.60 -4.98
C TYR A 261 -19.29 14.83 -6.24
N ALA A 262 -19.56 15.41 -7.44
CA ALA A 262 -19.20 14.77 -8.71
C ALA A 262 -17.69 14.51 -8.80
N ALA A 263 -17.32 13.41 -9.39
CA ALA A 263 -15.90 13.03 -9.58
C ALA A 263 -15.17 14.17 -10.32
N LYS A 264 -15.85 14.83 -11.25
CA LYS A 264 -15.20 15.94 -12.02
C LYS A 264 -14.82 17.12 -11.15
N ASP A 265 -15.33 17.25 -9.91
CA ASP A 265 -15.10 18.42 -9.03
C ASP A 265 -14.03 18.12 -7.97
N ALA A 266 -13.43 16.92 -7.99
CA ALA A 266 -12.48 16.48 -6.93
C ALA A 266 -11.27 17.43 -6.86
N GLU A 267 -10.70 17.86 -7.98
CA GLU A 267 -9.49 18.75 -7.88
C GLU A 267 -9.84 20.13 -7.31
N LYS A 268 -10.97 20.74 -7.67
CA LYS A 268 -11.41 22.01 -7.07
C LYS A 268 -11.58 21.85 -5.57
N ILE A 269 -12.11 20.71 -5.08
CA ILE A 269 -12.22 20.47 -3.62
C ILE A 269 -10.80 20.41 -3.03
N ARG A 270 -9.84 19.72 -3.67
CA ARG A 270 -8.42 19.70 -3.16
C ARG A 270 -7.86 21.14 -3.09
N GLU A 271 -8.13 22.00 -4.07
CA GLU A 271 -7.63 23.40 -4.03
C GLU A 271 -8.20 24.13 -2.81
N LEU A 272 -9.50 24.03 -2.54
CA LEU A 272 -10.13 24.64 -1.33
C LEU A 272 -9.41 24.13 -0.06
N LEU A 273 -9.24 22.82 0.07
CA LEU A 273 -8.73 22.26 1.34
C LEU A 273 -7.22 22.60 1.50
N ARG A 274 -6.47 22.76 0.40
CA ARG A 274 -5.04 23.22 0.54
C ARG A 274 -5.03 24.65 1.05
N LYS A 275 -5.92 25.50 0.58
CA LYS A 275 -6.02 26.93 0.99
C LYS A 275 -6.43 27.01 2.47
N VAL A 276 -7.43 26.23 2.88
CA VAL A 276 -7.86 26.26 4.29
C VAL A 276 -6.76 25.67 5.19
N GLY A 277 -6.10 24.58 4.79
CA GLY A 277 -4.99 24.01 5.58
C GLY A 277 -3.91 25.08 5.82
N GLU A 278 -3.64 25.92 4.82
CA GLU A 278 -2.60 27.00 4.89
C GLU A 278 -3.09 28.08 5.87
N GLU A 279 -4.35 28.52 5.74
CA GLU A 279 -4.97 29.52 6.65
C GLU A 279 -4.88 29.02 8.11
N GLN A 280 -5.03 27.72 8.37
CA GLN A 280 -5.07 27.16 9.75
C GLN A 280 -3.65 26.88 10.24
N GLY A 281 -2.64 27.18 9.43
CA GLY A 281 -1.23 27.06 9.83
C GLY A 281 -0.72 25.65 9.66
N GLN A 282 -1.42 24.77 8.92
CA GLN A 282 -0.79 23.50 8.47
C GLN A 282 0.37 23.86 7.53
N GLU A 283 1.39 23.02 7.47
CA GLU A 283 2.56 23.27 6.58
C GLU A 283 2.67 22.05 5.67
N ASN A 284 2.03 22.15 4.50
CA ASN A 284 1.78 21.02 3.57
C ASN A 284 2.45 21.38 2.24
N PRO A 285 3.12 20.44 1.54
CA PRO A 285 3.63 20.69 0.19
C PRO A 285 2.50 20.97 -0.78
N PRO A 286 2.74 21.73 -1.88
CA PRO A 286 1.66 22.28 -2.70
C PRO A 286 0.82 21.24 -3.48
N ASP A 287 1.32 19.99 -3.53
CA ASP A 287 0.75 18.86 -4.31
C ASP A 287 0.07 17.85 -3.38
N HIS A 288 0.14 18.02 -2.05
CA HIS A 288 -0.37 17.00 -1.09
C HIS A 288 -1.87 16.82 -1.32
N ASP A 289 -2.41 15.64 -0.97
CA ASP A 289 -3.82 15.29 -1.35
C ASP A 289 -4.71 15.25 -0.10
N PRO A 290 -5.47 16.36 0.19
CA PRO A 290 -6.31 16.42 1.39
C PRO A 290 -7.52 15.48 1.32
N ILE A 291 -7.96 15.07 0.12
CA ILE A 291 -9.05 14.05 0.04
C ILE A 291 -8.51 12.65 0.42
N HIS A 292 -7.35 12.24 -0.10
CA HIS A 292 -6.76 10.93 0.22
C HIS A 292 -6.44 10.82 1.73
N ASP A 293 -6.07 11.92 2.36
CA ASP A 293 -5.73 12.01 3.81
C ASP A 293 -6.93 11.72 4.71
N GLN A 294 -8.18 11.92 4.22
CA GLN A 294 -9.40 11.52 4.97
C GLN A 294 -9.42 12.22 6.35
N SER A 295 -8.97 13.46 6.36
CA SER A 295 -8.79 14.26 7.59
C SER A 295 -9.81 15.41 7.68
N TRP A 296 -10.60 15.71 6.63
CA TRP A 296 -11.52 16.86 6.62
C TRP A 296 -12.99 16.42 6.67
N TYR A 297 -13.81 17.18 7.37
CA TYR A 297 -15.31 17.16 7.28
C TYR A 297 -15.73 18.58 6.86
N LEU A 298 -16.41 18.67 5.71
CA LEU A 298 -16.97 19.97 5.21
C LEU A 298 -18.19 20.36 6.03
N ASP A 299 -18.01 21.31 6.98
CA ASP A 299 -19.12 21.85 7.77
C ASP A 299 -19.92 22.90 6.98
N GLN A 300 -20.94 23.55 7.54
CA GLN A 300 -21.75 24.52 6.76
C GLN A 300 -20.84 25.64 6.20
N THR A 301 -19.88 26.13 6.96
CA THR A 301 -18.96 27.21 6.52
C THR A 301 -18.19 26.75 5.28
N LEU A 302 -17.61 25.55 5.33
CA LEU A 302 -16.75 25.07 4.21
C LEU A 302 -17.62 24.75 2.98
N ARG A 303 -18.82 24.18 3.16
CA ARG A 303 -19.67 23.85 2.02
C ARG A 303 -20.03 25.17 1.30
N LYS A 304 -20.31 26.22 2.05
CA LYS A 304 -20.74 27.51 1.41
C LYS A 304 -19.52 28.11 0.66
N ARG A 305 -18.32 28.02 1.21
CA ARG A 305 -17.06 28.52 0.60
C ARG A 305 -16.78 27.74 -0.71
N LEU A 306 -17.09 26.43 -0.72
CA LEU A 306 -16.86 25.60 -1.92
C LEU A 306 -17.78 26.09 -3.03
N TYR A 307 -19.05 26.33 -2.72
CA TYR A 307 -20.06 26.84 -3.68
C TYR A 307 -19.63 28.25 -4.17
N GLU A 308 -19.34 29.17 -3.25
CA GLU A 308 -19.22 30.63 -3.58
C GLU A 308 -17.88 30.88 -4.29
N GLU A 309 -16.78 30.30 -3.82
CA GLU A 309 -15.35 30.59 -4.21
C GLU A 309 -14.91 29.69 -5.38
N TYR A 310 -15.49 28.49 -5.53
CA TYR A 310 -15.04 27.50 -6.54
C TYR A 310 -16.17 27.09 -7.48
N GLY A 311 -17.43 27.49 -7.29
CA GLY A 311 -18.53 27.13 -8.16
C GLY A 311 -19.00 25.67 -8.12
N VAL A 312 -18.78 25.00 -6.99
CA VAL A 312 -19.05 23.52 -6.87
C VAL A 312 -20.32 23.30 -6.03
N GLN A 313 -21.27 22.57 -6.60
CA GLN A 313 -22.52 22.15 -5.89
C GLN A 313 -22.43 20.65 -5.66
N GLY A 314 -22.88 20.22 -4.49
CA GLY A 314 -22.97 18.78 -4.17
C GLY A 314 -24.41 18.32 -4.05
N TRP A 315 -24.59 17.08 -3.62
CA TRP A 315 -25.88 16.46 -3.26
C TRP A 315 -25.88 16.23 -1.74
N ALA A 316 -26.84 16.83 -1.03
CA ALA A 316 -27.11 16.59 0.41
C ALA A 316 -28.21 15.52 0.48
N ILE A 317 -27.91 14.35 1.08
CA ILE A 317 -28.81 13.16 1.06
C ILE A 317 -29.04 12.71 2.50
N VAL A 318 -30.29 12.55 2.90
CA VAL A 318 -30.62 11.87 4.18
C VAL A 318 -30.97 10.42 3.86
N GLN A 319 -30.16 9.51 4.42
CA GLN A 319 -30.33 8.05 4.29
C GLN A 319 -31.20 7.54 5.47
N PHE A 320 -32.43 7.18 5.19
CA PHE A 320 -33.40 6.61 6.18
C PHE A 320 -33.22 5.10 6.25
N LEU A 321 -33.79 4.46 7.29
CA LEU A 321 -33.85 2.98 7.35
C LEU A 321 -34.32 2.37 6.02
N GLY A 322 -33.58 1.43 5.48
CA GLY A 322 -33.86 0.70 4.25
C GLY A 322 -33.44 1.43 2.97
N ASP A 323 -32.86 2.62 3.07
CA ASP A 323 -32.35 3.34 1.87
C ASP A 323 -30.99 2.77 1.45
N ALA A 324 -30.83 2.52 0.16
CA ALA A 324 -29.53 2.16 -0.49
C ALA A 324 -28.99 3.38 -1.24
N VAL A 325 -27.82 3.89 -0.86
CA VAL A 325 -27.12 5.02 -1.56
C VAL A 325 -26.11 4.41 -2.54
N PHE A 326 -26.23 4.75 -3.82
CA PHE A 326 -25.29 4.37 -4.90
C PHE A 326 -24.26 5.48 -5.05
N ILE A 327 -22.96 5.17 -4.84
CA ILE A 327 -21.88 6.20 -4.83
C ILE A 327 -21.00 5.97 -6.06
N PRO A 328 -20.94 6.89 -7.03
CA PRO A 328 -20.13 6.66 -8.22
C PRO A 328 -18.62 6.67 -7.89
N ALA A 329 -17.86 5.81 -8.59
CA ALA A 329 -16.40 5.80 -8.51
C ALA A 329 -15.82 7.19 -8.75
N GLY A 330 -14.89 7.56 -7.87
CA GLY A 330 -14.21 8.86 -7.97
C GLY A 330 -14.95 10.02 -7.31
N ALA A 331 -16.19 9.82 -6.84
CA ALA A 331 -16.99 10.91 -6.25
C ALA A 331 -16.61 11.14 -4.80
N PRO A 332 -16.06 12.30 -4.41
CA PRO A 332 -15.77 12.59 -3.00
C PRO A 332 -17.05 12.57 -2.14
N HIS A 333 -17.02 11.99 -0.93
CA HIS A 333 -18.24 11.90 -0.09
C HIS A 333 -17.85 11.83 1.40
N GLN A 334 -18.78 12.29 2.21
CA GLN A 334 -18.65 12.30 3.70
C GLN A 334 -19.99 11.88 4.31
N VAL A 335 -19.97 11.36 5.56
CA VAL A 335 -21.14 10.78 6.27
C VAL A 335 -21.16 11.32 7.71
N HIS A 336 -22.33 11.73 8.18
CA HIS A 336 -22.57 12.27 9.54
C HIS A 336 -23.79 11.53 10.11
N ASN A 337 -23.63 10.61 11.05
CA ASN A 337 -24.77 9.86 11.63
C ASN A 337 -25.64 10.78 12.50
N LEU A 338 -26.96 10.73 12.28
CA LEU A 338 -27.97 11.51 13.04
C LEU A 338 -28.39 10.69 14.27
N TYR A 339 -28.54 9.41 14.08
CA TYR A 339 -28.81 8.39 15.13
C TYR A 339 -27.81 7.24 14.97
N SER A 340 -27.85 6.23 15.86
CA SER A 340 -26.95 5.07 15.76
C SER A 340 -27.31 4.24 14.51
N CYS A 341 -26.29 3.90 13.71
CA CYS A 341 -26.51 3.27 12.38
C CYS A 341 -25.76 1.96 12.24
N ILE A 342 -26.42 0.96 11.62
CA ILE A 342 -25.75 -0.21 11.02
C ILE A 342 -25.90 -0.07 9.50
N LYS A 343 -24.79 0.11 8.80
CA LYS A 343 -24.79 0.16 7.31
C LYS A 343 -24.00 -1.06 6.78
N VAL A 344 -24.39 -1.59 5.61
CA VAL A 344 -23.63 -2.65 4.92
C VAL A 344 -23.41 -2.21 3.48
N ALA A 345 -22.17 -2.20 3.05
CA ALA A 345 -21.80 -1.71 1.69
C ALA A 345 -21.16 -2.80 0.86
N GLU A 346 -21.42 -2.80 -0.44
CA GLU A 346 -20.77 -3.71 -1.41
C GLU A 346 -20.11 -2.89 -2.52
N ASP A 347 -18.86 -3.16 -2.85
CA ASP A 347 -18.21 -2.47 -3.99
C ASP A 347 -18.48 -3.26 -5.30
N PHE A 348 -18.47 -2.56 -6.43
CA PHE A 348 -18.67 -3.15 -7.78
C PHE A 348 -17.97 -2.25 -8.79
N VAL A 349 -17.78 -2.72 -10.01
CA VAL A 349 -17.09 -1.96 -11.08
C VAL A 349 -18.01 -1.90 -12.31
N SER A 350 -18.81 -0.84 -12.43
CA SER A 350 -19.69 -0.65 -13.61
C SER A 350 -18.89 -0.25 -14.84
N PRO A 351 -19.38 -0.60 -16.06
CA PRO A 351 -18.70 -0.14 -17.25
C PRO A 351 -18.69 1.38 -17.39
N GLU A 352 -19.75 2.03 -16.90
CA GLU A 352 -19.90 3.51 -16.96
C GLU A 352 -18.74 4.24 -16.28
N HIS A 353 -18.08 3.65 -15.27
CA HIS A 353 -17.10 4.41 -14.45
C HIS A 353 -15.76 3.68 -14.32
N VAL A 354 -15.51 2.70 -15.18
CA VAL A 354 -14.25 1.88 -15.13
C VAL A 354 -13.01 2.76 -15.31
N LYS A 355 -13.05 3.87 -16.04
CA LYS A 355 -11.87 4.79 -16.16
C LYS A 355 -11.26 5.11 -14.80
N HIS A 356 -12.05 5.19 -13.71
CA HIS A 356 -11.54 5.71 -12.41
C HIS A 356 -10.59 4.70 -11.76
N CYS A 357 -10.57 3.42 -12.15
CA CYS A 357 -9.65 2.42 -11.53
C CYS A 357 -8.53 2.02 -12.49
N PHE A 358 -8.38 2.66 -13.64
CA PHE A 358 -7.30 2.30 -14.60
C PHE A 358 -5.97 2.87 -14.05
N ARG A 359 -4.88 2.08 -14.14
CA ARG A 359 -3.54 2.44 -13.57
C ARG A 359 -2.70 3.25 -14.55
N LEU A 360 -3.13 3.56 -15.79
CA LEU A 360 -2.31 4.44 -16.67
C LEU A 360 -2.99 5.77 -17.01
N THR A 361 -2.19 6.71 -17.52
CA THR A 361 -2.53 8.08 -18.01
C THR A 361 -3.40 8.82 -16.99
N MET B 23 51.69 -2.51 -5.93
CA MET B 23 51.45 -1.42 -6.92
C MET B 23 50.05 -1.61 -7.54
N THR B 24 49.29 -2.61 -7.11
CA THR B 24 47.87 -2.78 -7.54
C THR B 24 47.10 -1.51 -7.18
N SER B 25 46.39 -0.90 -8.12
CA SER B 25 45.56 0.31 -7.86
C SER B 25 44.43 -0.03 -6.90
N HIS B 26 44.37 0.65 -5.77
CA HIS B 26 43.39 0.43 -4.70
C HIS B 26 43.25 1.66 -3.80
N SER B 27 42.17 1.68 -3.02
CA SER B 27 41.95 2.68 -1.94
C SER B 27 41.04 2.07 -0.89
N TRP B 28 40.85 2.73 0.24
CA TRP B 28 40.13 2.20 1.42
C TRP B 28 38.98 3.17 1.70
N LEU B 29 37.73 2.70 1.64
CA LEU B 29 36.54 3.52 1.98
C LEU B 29 35.92 3.07 3.31
N CYS B 30 34.76 3.60 3.70
CA CYS B 30 34.13 3.22 5.01
C CYS B 30 35.18 3.41 6.12
N ASP B 31 35.85 4.59 6.13
CA ASP B 31 36.82 5.00 7.17
C ASP B 31 37.92 3.92 7.35
N GLY B 32 38.50 3.44 6.24
CA GLY B 32 39.58 2.42 6.21
C GLY B 32 39.13 0.95 6.16
N ARG B 33 37.83 0.65 6.28
CA ARG B 33 37.33 -0.74 6.54
C ARG B 33 36.82 -1.46 5.25
N LEU B 34 36.84 -0.79 4.08
CA LEU B 34 36.39 -1.43 2.79
C LEU B 34 37.47 -1.31 1.73
N LEU B 35 38.01 -2.43 1.24
CA LEU B 35 38.92 -2.42 0.08
C LEU B 35 38.15 -2.07 -1.18
N CYS B 36 38.70 -1.15 -1.98
CA CYS B 36 38.20 -0.76 -3.30
C CYS B 36 39.32 -0.99 -4.31
N LEU B 37 39.21 -1.99 -5.19
CA LEU B 37 40.18 -2.26 -6.28
C LEU B 37 39.73 -1.53 -7.54
N HIS B 38 40.62 -0.82 -8.24
CA HIS B 38 40.19 0.12 -9.31
C HIS B 38 40.50 -0.39 -10.72
N ASP B 39 41.27 -1.45 -10.90
CA ASP B 39 41.47 -2.02 -12.26
C ASP B 39 40.87 -3.41 -12.31
N PRO B 40 39.69 -3.60 -12.93
CA PRO B 40 39.01 -4.90 -12.89
C PRO B 40 39.77 -6.07 -13.54
N SER B 41 40.71 -5.80 -14.46
CA SER B 41 41.46 -6.83 -15.21
C SER B 41 42.90 -7.04 -14.69
N ASN B 42 43.28 -6.47 -13.54
CA ASN B 42 44.67 -6.66 -12.98
C ASN B 42 44.78 -8.08 -12.39
N LYS B 43 45.71 -8.91 -12.89
CA LYS B 43 45.87 -10.33 -12.49
C LYS B 43 46.38 -10.44 -11.05
N ASN B 44 46.85 -9.35 -10.43
CA ASN B 44 47.32 -9.33 -9.03
C ASN B 44 46.24 -8.89 -8.02
N ASN B 45 44.97 -8.69 -8.45
CA ASN B 45 43.89 -8.21 -7.53
C ASN B 45 43.76 -9.14 -6.34
N TRP B 46 43.96 -10.46 -6.51
CA TRP B 46 43.74 -11.47 -5.44
C TRP B 46 44.63 -11.19 -4.19
N LYS B 47 45.76 -10.53 -4.40
CA LYS B 47 46.77 -10.42 -3.30
C LYS B 47 46.23 -9.68 -2.07
N ILE B 48 45.66 -8.48 -2.26
CA ILE B 48 45.12 -7.66 -1.13
C ILE B 48 43.68 -8.13 -0.78
N PHE B 49 42.95 -8.61 -1.80
CA PHE B 49 41.60 -9.20 -1.58
C PHE B 49 41.61 -10.31 -0.54
N ARG B 50 42.63 -11.21 -0.57
CA ARG B 50 42.63 -12.48 0.22
C ARG B 50 42.37 -12.22 1.71
N GLU B 51 43.13 -11.29 2.35
CA GLU B 51 43.01 -11.11 3.80
C GLU B 51 41.69 -10.44 4.17
N CYS B 52 41.19 -9.51 3.32
CA CYS B 52 39.86 -8.86 3.57
C CYS B 52 38.77 -9.95 3.56
N TRP B 53 38.83 -10.81 2.57
CA TRP B 53 37.83 -11.90 2.39
C TRP B 53 37.94 -12.94 3.50
N LYS B 54 39.17 -13.31 3.94
CA LYS B 54 39.38 -14.21 5.12
C LYS B 54 38.72 -13.62 6.38
N GLN B 55 38.78 -12.30 6.60
CA GLN B 55 38.23 -11.61 7.78
C GLN B 55 36.71 -11.42 7.63
N GLY B 56 36.12 -11.88 6.53
CA GLY B 56 34.65 -11.83 6.33
C GLY B 56 34.12 -10.47 5.90
N GLN B 57 34.95 -9.65 5.29
CA GLN B 57 34.58 -8.31 4.80
C GLN B 57 34.04 -8.40 3.37
N PRO B 58 33.05 -7.54 3.00
CA PRO B 58 32.81 -7.28 1.60
C PRO B 58 33.99 -6.52 0.97
N VAL B 59 34.08 -6.56 -0.34
CA VAL B 59 35.09 -5.91 -1.21
C VAL B 59 34.38 -5.26 -2.40
N LEU B 60 34.85 -4.12 -2.87
CA LEU B 60 34.31 -3.45 -4.09
C LEU B 60 35.39 -3.43 -5.21
N VAL B 61 35.00 -3.67 -6.45
CA VAL B 61 35.87 -3.54 -7.64
C VAL B 61 35.15 -2.59 -8.60
N SER B 62 35.78 -1.47 -8.93
CA SER B 62 35.19 -0.43 -9.79
C SER B 62 35.61 -0.65 -11.26
N GLY B 63 34.91 -0.02 -12.20
CA GLY B 63 35.31 0.05 -13.62
C GLY B 63 34.80 -1.05 -14.53
N VAL B 64 33.92 -1.96 -14.06
CA VAL B 64 33.50 -3.14 -14.87
C VAL B 64 32.70 -2.65 -16.10
N HIS B 65 32.01 -1.52 -16.00
CA HIS B 65 31.19 -0.97 -17.12
C HIS B 65 32.05 -0.65 -18.34
N LYS B 66 33.28 -0.21 -18.12
CA LYS B 66 34.23 0.10 -19.22
C LYS B 66 34.63 -1.18 -19.97
N LYS B 67 34.46 -2.38 -19.42
CA LYS B 67 34.77 -3.66 -20.08
C LYS B 67 33.57 -4.24 -20.86
N LEU B 68 32.35 -3.74 -20.64
CA LEU B 68 31.12 -4.30 -21.28
C LEU B 68 30.82 -3.53 -22.57
N LYS B 69 29.91 -4.11 -23.35
CA LYS B 69 29.25 -3.48 -24.53
C LYS B 69 28.03 -2.70 -24.06
N SER B 70 28.15 -1.39 -23.92
CA SER B 70 27.14 -0.53 -23.24
C SER B 70 25.77 -0.64 -23.96
N GLU B 71 25.73 -0.89 -25.26
CA GLU B 71 24.45 -0.93 -26.02
C GLU B 71 23.62 -2.18 -25.65
N LEU B 72 24.22 -3.21 -25.04
CA LEU B 72 23.51 -4.45 -24.62
C LEU B 72 22.76 -4.20 -23.28
N TRP B 73 23.06 -3.17 -22.49
CA TRP B 73 22.59 -3.03 -21.10
C TRP B 73 21.62 -1.84 -20.96
N LYS B 74 20.99 -1.39 -22.04
CA LYS B 74 20.11 -0.19 -22.04
C LYS B 74 18.64 -0.61 -21.86
N PRO B 75 17.86 0.13 -21.04
CA PRO B 75 16.43 -0.17 -20.87
C PRO B 75 15.65 -0.24 -22.19
N GLU B 76 15.96 0.66 -23.13
CA GLU B 76 15.28 0.71 -24.45
C GLU B 76 15.50 -0.61 -25.22
N ALA B 77 16.69 -1.23 -25.17
CA ALA B 77 16.99 -2.49 -25.88
C ALA B 77 16.21 -3.66 -25.25
N PHE B 78 16.12 -3.76 -23.93
CA PHE B 78 15.33 -4.81 -23.25
C PHE B 78 13.87 -4.71 -23.71
N SER B 79 13.34 -3.49 -23.78
CA SER B 79 11.92 -3.22 -24.15
C SER B 79 11.69 -3.64 -25.60
N GLN B 80 12.53 -3.20 -26.53
CA GLN B 80 12.37 -3.53 -27.98
C GLN B 80 12.53 -5.03 -28.21
N GLU B 81 13.45 -5.71 -27.53
CA GLU B 81 13.75 -7.14 -27.77
C GLU B 81 12.73 -8.06 -27.08
N PHE B 82 12.19 -7.70 -25.90
CA PHE B 82 11.53 -8.70 -25.01
C PHE B 82 10.19 -8.15 -24.48
N GLY B 83 9.72 -7.04 -25.00
CA GLY B 83 8.67 -6.18 -24.39
C GLY B 83 7.28 -6.81 -24.44
N ASP B 84 7.03 -7.80 -25.31
CA ASP B 84 5.66 -8.39 -25.39
C ASP B 84 5.56 -9.64 -24.51
N GLN B 85 6.57 -9.96 -23.69
CA GLN B 85 6.49 -11.03 -22.68
C GLN B 85 5.58 -10.62 -21.50
N ASP B 86 4.92 -11.60 -20.90
CA ASP B 86 4.08 -11.41 -19.71
C ASP B 86 4.93 -11.60 -18.46
N VAL B 87 4.71 -10.80 -17.44
CA VAL B 87 5.56 -10.80 -16.24
C VAL B 87 4.77 -10.30 -15.01
N ASP B 88 5.28 -10.62 -13.83
CA ASP B 88 4.75 -10.02 -12.57
C ASP B 88 5.70 -8.92 -12.09
N LEU B 89 5.13 -7.88 -11.50
CA LEU B 89 5.89 -6.81 -10.82
C LEU B 89 5.56 -6.81 -9.34
N VAL B 90 6.44 -6.24 -8.52
CA VAL B 90 6.23 -6.01 -7.06
C VAL B 90 6.26 -4.49 -6.81
N ASN B 91 5.23 -3.98 -6.11
CA ASN B 91 5.15 -2.62 -5.57
C ASN B 91 6.07 -2.57 -4.33
N CYS B 92 7.22 -1.89 -4.40
CA CYS B 92 8.21 -1.86 -3.29
C CYS B 92 7.65 -1.21 -2.01
N ARG B 93 6.68 -0.30 -2.11
CA ARG B 93 6.09 0.38 -0.90
C ARG B 93 5.21 -0.54 -0.06
N ASN B 94 4.49 -1.50 -0.66
CA ASN B 94 3.50 -2.31 0.11
C ASN B 94 3.66 -3.81 -0.15
N CYS B 95 4.67 -4.26 -0.91
CA CYS B 95 4.97 -5.69 -1.28
C CYS B 95 3.86 -6.33 -2.11
N ALA B 96 2.89 -5.57 -2.62
CA ALA B 96 1.80 -6.11 -3.47
C ALA B 96 2.33 -6.61 -4.82
N ILE B 97 1.79 -7.73 -5.32
CA ILE B 97 2.12 -8.28 -6.66
C ILE B 97 1.13 -7.72 -7.67
N ILE B 98 1.63 -7.11 -8.76
CA ILE B 98 0.87 -6.67 -9.96
C ILE B 98 1.08 -7.78 -11.00
N SER B 99 0.13 -8.70 -11.16
CA SER B 99 0.31 -9.96 -11.93
C SER B 99 -0.04 -9.80 -13.42
N ASP B 100 0.78 -10.41 -14.27
CA ASP B 100 0.49 -10.68 -15.69
C ASP B 100 0.36 -9.38 -16.48
N VAL B 101 1.35 -8.50 -16.41
CA VAL B 101 1.43 -7.29 -17.27
C VAL B 101 2.55 -7.49 -18.31
N LYS B 102 2.75 -6.54 -19.20
CA LYS B 102 3.80 -6.64 -20.26
C LYS B 102 5.15 -6.10 -19.76
N VAL B 103 6.24 -6.80 -20.07
CA VAL B 103 7.66 -6.38 -19.76
C VAL B 103 7.80 -4.92 -20.24
N ARG B 104 7.27 -4.51 -21.40
CA ARG B 104 7.42 -3.11 -21.88
C ARG B 104 6.76 -2.07 -20.94
N ASP B 105 5.75 -2.46 -20.14
CA ASP B 105 5.09 -1.49 -19.22
C ASP B 105 6.02 -1.22 -18.02
N PHE B 106 6.94 -2.11 -17.69
CA PHE B 106 8.00 -1.84 -16.67
C PHE B 106 9.08 -0.94 -17.32
N TRP B 107 9.66 -1.34 -18.45
CA TRP B 107 10.87 -0.67 -19.03
C TRP B 107 10.48 0.72 -19.51
N ASP B 108 9.26 0.94 -20.01
CA ASP B 108 8.94 2.26 -20.63
C ASP B 108 8.78 3.35 -19.55
N GLY B 109 8.57 2.99 -18.27
CA GLY B 109 8.57 3.90 -17.11
C GLY B 109 9.91 3.91 -16.32
N PHE B 110 10.93 3.24 -16.82
CA PHE B 110 12.21 3.12 -16.04
C PHE B 110 12.78 4.51 -15.71
N GLU B 111 12.74 5.43 -16.69
CA GLU B 111 13.31 6.79 -16.47
C GLU B 111 12.29 7.90 -16.69
N ILE B 112 11.08 7.60 -17.14
CA ILE B 112 9.96 8.58 -17.43
C ILE B 112 8.85 8.31 -16.42
N ILE B 113 8.75 9.12 -15.39
CA ILE B 113 7.89 8.84 -14.20
C ILE B 113 6.40 8.92 -14.59
N CYS B 114 6.03 9.80 -15.52
CA CYS B 114 4.58 9.99 -15.90
C CYS B 114 4.06 8.71 -16.61
N LYS B 115 4.94 7.83 -17.11
CA LYS B 115 4.61 6.61 -17.90
C LYS B 115 4.40 5.39 -16.98
N ARG B 116 4.66 5.53 -15.69
CA ARG B 116 4.61 4.38 -14.77
C ARG B 116 3.18 4.01 -14.42
N LEU B 117 2.97 2.71 -14.17
CA LEU B 117 1.72 2.22 -13.54
C LEU B 117 1.52 2.92 -12.18
N ARG B 118 0.28 3.29 -11.86
CA ARG B 118 -0.09 4.00 -10.64
C ARG B 118 -0.84 3.14 -9.62
N SER B 119 -0.76 3.52 -8.34
CA SER B 119 -1.45 2.89 -7.20
C SER B 119 -2.85 3.57 -7.06
N GLU B 120 -3.65 3.08 -6.14
CA GLU B 120 -5.04 3.55 -5.80
C GLU B 120 -5.03 5.10 -5.58
N ASP B 121 -3.93 5.67 -5.05
CA ASP B 121 -3.84 7.10 -4.68
C ASP B 121 -3.51 7.97 -5.89
N GLY B 122 -3.47 7.40 -7.11
CA GLY B 122 -3.07 8.13 -8.31
C GLY B 122 -1.59 8.43 -8.41
N GLN B 123 -0.73 7.93 -7.49
CA GLN B 123 0.73 8.19 -7.53
C GLN B 123 1.43 7.12 -8.37
N PRO B 124 2.47 7.51 -9.12
CA PRO B 124 3.34 6.55 -9.81
C PRO B 124 3.95 5.57 -8.80
N MET B 125 3.96 4.26 -9.13
CA MET B 125 4.50 3.22 -8.22
C MET B 125 6.03 3.11 -8.42
N VAL B 126 6.70 2.72 -7.34
CA VAL B 126 8.12 2.25 -7.36
C VAL B 126 8.06 0.73 -7.50
N LEU B 127 8.48 0.23 -8.67
CA LEU B 127 8.24 -1.17 -9.06
C LEU B 127 9.58 -1.90 -9.23
N LYS B 128 9.56 -3.20 -8.90
CA LYS B 128 10.64 -4.14 -9.29
C LYS B 128 10.09 -5.26 -10.17
N LEU B 129 10.88 -5.67 -11.14
CA LEU B 129 10.50 -6.75 -12.06
C LEU B 129 10.82 -8.05 -11.34
N LYS B 130 9.84 -8.92 -11.14
CA LYS B 130 10.02 -10.20 -10.41
C LYS B 130 10.49 -11.31 -11.37
N ASP B 131 11.54 -12.01 -10.97
CA ASP B 131 11.94 -13.31 -11.57
C ASP B 131 12.05 -13.14 -13.08
N TRP B 132 12.92 -12.23 -13.56
CA TRP B 132 13.07 -12.02 -15.02
C TRP B 132 14.53 -11.80 -15.37
N PRO B 133 15.09 -12.51 -16.37
CA PRO B 133 14.49 -13.70 -16.96
C PRO B 133 14.21 -14.75 -15.91
N PRO B 134 13.14 -15.56 -16.13
CA PRO B 134 12.66 -16.48 -15.11
C PRO B 134 13.58 -17.68 -14.88
N GLY B 135 13.64 -18.10 -13.61
CA GLY B 135 14.44 -19.25 -13.16
C GLY B 135 15.83 -19.15 -13.71
N GLU B 136 16.25 -20.09 -14.56
CA GLU B 136 17.63 -20.22 -15.10
C GLU B 136 17.63 -19.96 -16.60
N ASP B 137 16.66 -19.17 -17.10
CA ASP B 137 16.52 -18.91 -18.56
C ASP B 137 17.47 -17.80 -19.06
N PHE B 138 18.29 -17.18 -18.18
CA PHE B 138 19.15 -16.01 -18.54
C PHE B 138 20.03 -16.37 -19.74
N ARG B 139 20.74 -17.50 -19.67
CA ARG B 139 21.62 -17.93 -20.79
C ARG B 139 20.80 -18.18 -22.06
N ASP B 140 19.70 -18.93 -21.98
CA ASP B 140 18.89 -19.30 -23.18
C ASP B 140 18.24 -18.05 -23.74
N MET B 141 17.76 -17.13 -22.89
CA MET B 141 16.99 -15.96 -23.40
C MET B 141 17.93 -14.89 -23.91
N MET B 142 19.10 -14.72 -23.28
CA MET B 142 20.00 -13.56 -23.51
C MET B 142 21.44 -14.02 -23.68
N PRO B 143 21.75 -14.83 -24.72
CA PRO B 143 23.09 -15.40 -24.87
C PRO B 143 24.23 -14.37 -25.01
N THR B 144 24.00 -13.27 -25.72
CA THR B 144 25.04 -12.24 -25.98
C THR B 144 25.30 -11.45 -24.68
N ARG B 145 24.24 -11.22 -23.88
CA ARG B 145 24.38 -10.59 -22.52
C ARG B 145 25.12 -11.54 -21.57
N PHE B 146 24.82 -12.82 -21.58
CA PHE B 146 25.53 -13.84 -20.75
C PHE B 146 27.05 -13.78 -21.05
N GLU B 147 27.42 -13.86 -22.33
CA GLU B 147 28.83 -13.89 -22.79
C GLU B 147 29.52 -12.59 -22.35
N ASP B 148 28.86 -11.43 -22.53
CA ASP B 148 29.44 -10.10 -22.21
C ASP B 148 29.74 -10.04 -20.70
N LEU B 149 28.79 -10.43 -19.84
CA LEU B 149 29.01 -10.37 -18.37
C LEU B 149 30.06 -11.41 -17.91
N MET B 150 29.96 -12.67 -18.32
CA MET B 150 30.84 -13.74 -17.77
C MET B 150 32.29 -13.51 -18.15
N GLU B 151 32.57 -13.03 -19.37
CA GLU B 151 33.95 -12.81 -19.84
C GLU B 151 34.58 -11.66 -19.07
N ASN B 152 33.80 -10.78 -18.41
CA ASN B 152 34.32 -9.53 -17.86
C ASN B 152 34.11 -9.45 -16.32
N LEU B 153 33.75 -10.56 -15.67
CA LEU B 153 33.62 -10.65 -14.18
C LEU B 153 35.00 -10.45 -13.55
N PRO B 154 35.12 -9.55 -12.56
CA PRO B 154 36.38 -9.38 -11.83
C PRO B 154 36.67 -10.62 -10.95
N LEU B 155 37.93 -10.74 -10.52
CA LEU B 155 38.42 -11.89 -9.69
C LEU B 155 37.95 -13.20 -10.34
N PRO B 156 38.28 -13.40 -11.64
CA PRO B 156 37.72 -14.52 -12.41
C PRO B 156 38.14 -15.91 -11.89
N GLU B 157 39.29 -16.06 -11.21
CA GLU B 157 39.67 -17.36 -10.64
C GLU B 157 38.66 -17.75 -9.55
N TYR B 158 37.96 -16.77 -8.95
CA TYR B 158 37.00 -16.98 -7.85
C TYR B 158 35.58 -17.06 -8.46
N THR B 159 35.28 -16.27 -9.49
CA THR B 159 33.85 -15.99 -9.90
C THR B 159 33.41 -16.80 -11.15
N LYS B 160 34.31 -17.18 -12.07
CA LYS B 160 33.91 -18.00 -13.28
C LYS B 160 33.74 -19.50 -12.92
N ARG B 161 32.85 -20.23 -13.64
N ARG B 161 32.87 -20.20 -13.66
CA ARG B 161 32.57 -21.67 -13.35
CA ARG B 161 32.55 -21.64 -13.39
C ARG B 161 33.87 -22.49 -13.35
C ARG B 161 33.83 -22.48 -13.38
N ASP B 162 34.75 -22.24 -14.32
CA ASP B 162 36.01 -23.02 -14.43
C ASP B 162 37.15 -22.28 -13.73
N GLY B 163 36.87 -21.30 -12.85
CA GLY B 163 37.90 -20.61 -12.06
C GLY B 163 38.72 -21.60 -11.21
N ARG B 164 40.02 -21.36 -11.07
CA ARG B 164 40.91 -22.24 -10.28
C ARG B 164 40.36 -22.38 -8.86
N LEU B 165 39.83 -21.30 -8.27
CA LEU B 165 39.44 -21.27 -6.84
C LEU B 165 37.92 -21.21 -6.69
N ASN B 166 37.13 -21.45 -7.73
CA ASN B 166 35.66 -21.61 -7.57
C ASN B 166 35.36 -23.10 -7.38
N LEU B 167 34.79 -23.46 -6.23
CA LEU B 167 34.52 -24.89 -5.87
C LEU B 167 33.12 -25.32 -6.28
N ALA B 168 32.27 -24.39 -6.77
CA ALA B 168 30.80 -24.67 -6.96
C ALA B 168 30.58 -25.89 -7.85
N SER B 169 31.31 -26.05 -8.94
CA SER B 169 31.03 -27.18 -9.87
C SER B 169 31.55 -28.52 -9.34
N ARG B 170 32.43 -28.54 -8.36
CA ARG B 170 33.08 -29.78 -7.83
C ARG B 170 32.40 -30.32 -6.57
N LEU B 171 31.73 -29.51 -5.76
CA LEU B 171 31.25 -29.96 -4.42
C LEU B 171 29.87 -30.58 -4.51
N PRO B 172 29.59 -31.56 -3.61
CA PRO B 172 28.24 -32.10 -3.47
C PRO B 172 27.16 -31.10 -3.03
N SER B 173 25.89 -31.49 -3.18
CA SER B 173 24.71 -30.63 -2.89
C SER B 173 24.59 -30.21 -1.42
N TYR B 174 25.23 -30.90 -0.47
CA TYR B 174 25.25 -30.44 0.95
C TYR B 174 26.13 -29.19 1.16
N PHE B 175 26.90 -28.74 0.12
CA PHE B 175 27.65 -27.45 0.17
C PHE B 175 26.98 -26.36 -0.72
N VAL B 176 26.33 -26.73 -1.82
CA VAL B 176 25.97 -25.76 -2.90
C VAL B 176 24.92 -26.35 -3.85
N ARG B 177 23.99 -25.49 -4.28
CA ARG B 177 22.99 -25.85 -5.32
C ARG B 177 23.73 -26.11 -6.62
N PRO B 178 23.31 -27.11 -7.43
CA PRO B 178 23.95 -27.36 -8.73
C PRO B 178 23.69 -26.27 -9.80
N ASP B 179 24.61 -26.20 -10.76
CA ASP B 179 24.46 -25.48 -12.06
C ASP B 179 24.16 -24.00 -11.79
N LEU B 180 25.06 -23.28 -11.11
CA LEU B 180 24.82 -21.84 -10.79
C LEU B 180 24.84 -21.06 -12.11
N GLY B 181 23.98 -20.04 -12.22
CA GLY B 181 23.92 -19.10 -13.36
C GLY B 181 23.53 -17.71 -12.89
N PRO B 182 23.75 -16.68 -13.72
CA PRO B 182 23.52 -15.29 -13.30
C PRO B 182 22.04 -14.96 -13.18
N LYS B 183 21.75 -13.96 -12.36
CA LYS B 183 20.36 -13.47 -12.10
C LYS B 183 20.37 -11.94 -12.29
N MET B 184 19.34 -11.40 -12.93
CA MET B 184 19.21 -9.95 -13.21
C MET B 184 18.25 -9.37 -12.19
N TYR B 185 18.55 -8.17 -11.67
CA TYR B 185 17.73 -7.46 -10.65
C TYR B 185 17.43 -6.06 -11.15
N ASN B 186 16.17 -5.81 -11.44
CA ASN B 186 15.73 -4.60 -12.20
C ASN B 186 14.65 -3.90 -11.37
N ALA B 187 14.86 -2.66 -10.94
CA ALA B 187 13.87 -1.94 -10.09
C ALA B 187 14.06 -0.43 -10.23
N TYR B 188 12.94 0.32 -10.09
CA TYR B 188 12.94 1.78 -10.08
C TYR B 188 13.67 2.30 -8.82
N GLY B 189 14.04 3.59 -8.84
CA GLY B 189 14.56 4.32 -7.66
C GLY B 189 13.51 4.66 -6.64
N LEU B 190 13.78 4.56 -5.35
CA LEU B 190 12.91 5.14 -4.28
C LEU B 190 13.06 6.67 -4.27
N ILE B 191 11.98 7.41 -3.94
CA ILE B 191 11.86 8.86 -4.32
C ILE B 191 11.55 9.76 -3.10
N THR B 192 10.59 9.38 -2.25
CA THR B 192 9.99 10.32 -1.24
C THR B 192 10.73 10.25 0.09
N ALA B 193 10.44 11.18 1.02
CA ALA B 193 10.94 11.13 2.40
C ALA B 193 10.47 9.84 3.08
N GLU B 194 9.21 9.42 2.89
CA GLU B 194 8.66 8.18 3.47
C GLU B 194 9.38 6.96 2.83
N ASP B 195 9.85 7.08 1.59
CA ASP B 195 10.57 5.98 0.88
C ASP B 195 11.95 5.71 1.54
N ARG B 196 12.50 6.62 2.34
CA ARG B 196 13.83 6.42 2.99
C ARG B 196 13.85 5.16 3.85
N ARG B 197 12.72 4.76 4.45
CA ARG B 197 12.54 3.61 5.36
C ARG B 197 12.20 2.31 4.60
N VAL B 198 12.16 2.34 3.26
CA VAL B 198 11.76 1.20 2.39
C VAL B 198 13.04 0.59 1.77
N GLY B 199 13.08 -0.74 1.65
CA GLY B 199 14.12 -1.45 0.87
C GLY B 199 13.65 -1.78 -0.55
N THR B 200 14.55 -1.71 -1.52
CA THR B 200 14.38 -2.39 -2.82
C THR B 200 14.40 -3.92 -2.53
N THR B 201 15.41 -4.35 -1.78
CA THR B 201 15.61 -5.76 -1.33
C THR B 201 15.76 -5.76 0.18
N ASN B 202 14.84 -6.37 0.90
CA ASN B 202 14.85 -6.39 2.38
C ASN B 202 16.06 -7.17 2.90
N LEU B 203 16.41 -6.92 4.16
CA LEU B 203 17.50 -7.61 4.89
C LEU B 203 17.30 -9.14 4.77
N HIS B 204 18.35 -9.83 4.30
CA HIS B 204 18.33 -11.30 4.09
C HIS B 204 19.78 -11.79 4.09
N LEU B 205 19.99 -13.10 4.08
CA LEU B 205 21.35 -13.64 3.75
C LEU B 205 21.23 -14.67 2.63
N ASP B 206 22.37 -14.96 1.97
CA ASP B 206 22.50 -15.98 0.91
C ASP B 206 23.45 -17.08 1.40
N VAL B 207 23.22 -18.33 0.94
CA VAL B 207 23.95 -19.54 1.45
C VAL B 207 25.25 -19.75 0.67
N SER B 208 25.50 -19.00 -0.40
CA SER B 208 26.77 -19.06 -1.15
C SER B 208 27.43 -17.69 -1.12
N ASP B 209 28.69 -17.59 -1.54
CA ASP B 209 29.31 -16.29 -1.86
C ASP B 209 28.65 -15.71 -3.13
N ALA B 210 28.72 -14.39 -3.35
CA ALA B 210 28.21 -13.77 -4.59
C ALA B 210 28.95 -12.47 -4.97
N VAL B 211 28.86 -12.13 -6.26
CA VAL B 211 29.28 -10.82 -6.79
C VAL B 211 28.10 -10.17 -7.51
N ASN B 212 27.85 -8.90 -7.21
CA ASN B 212 26.73 -8.11 -7.81
C ASN B 212 27.33 -6.93 -8.57
N VAL B 213 27.10 -6.88 -9.88
CA VAL B 213 27.61 -5.82 -10.80
C VAL B 213 26.49 -4.82 -11.17
N MET B 214 26.74 -3.53 -10.99
CA MET B 214 25.82 -2.43 -11.46
C MET B 214 26.11 -2.21 -12.95
N VAL B 215 25.19 -2.57 -13.87
CA VAL B 215 25.45 -2.47 -15.33
C VAL B 215 24.77 -1.24 -15.95
N TYR B 216 23.76 -0.68 -15.29
CA TYR B 216 23.07 0.55 -15.82
C TYR B 216 22.44 1.33 -14.68
N VAL B 217 22.54 2.67 -14.74
CA VAL B 217 21.86 3.57 -13.76
C VAL B 217 21.07 4.61 -14.55
N GLY B 218 19.75 4.67 -14.31
CA GLY B 218 18.84 5.56 -15.07
C GLY B 218 18.37 6.67 -14.15
N ILE B 219 18.78 7.87 -14.47
CA ILE B 219 18.43 9.10 -13.71
C ILE B 219 17.31 9.84 -14.46
N PRO B 220 16.06 9.85 -13.94
CA PRO B 220 14.98 10.64 -14.57
C PRO B 220 15.24 12.15 -14.46
N ILE B 221 14.73 12.98 -15.39
CA ILE B 221 14.72 14.48 -15.28
C ILE B 221 13.32 14.95 -14.81
N ALA B 225 15.94 17.68 -11.43
CA ALA B 225 16.97 17.23 -10.46
C ALA B 225 16.36 17.11 -9.06
N HIS B 226 15.90 15.91 -8.70
CA HIS B 226 15.35 15.56 -7.36
C HIS B 226 16.49 14.93 -6.54
N ASP B 227 17.71 15.43 -6.73
CA ASP B 227 18.95 15.06 -6.00
C ASP B 227 18.83 15.41 -4.51
N GLU B 228 17.72 16.03 -4.09
CA GLU B 228 17.54 16.61 -2.72
C GLU B 228 17.37 15.46 -1.72
N GLU B 229 16.35 14.63 -1.92
CA GLU B 229 16.06 13.47 -1.05
C GLU B 229 17.22 12.46 -1.17
N VAL B 230 17.85 12.35 -2.34
CA VAL B 230 18.98 11.41 -2.57
C VAL B 230 20.18 11.81 -1.70
N LEU B 231 20.63 13.08 -1.72
CA LEU B 231 21.78 13.54 -0.89
C LEU B 231 21.50 13.31 0.61
N LYS B 232 20.26 13.53 1.06
CA LYS B 232 19.88 13.32 2.48
C LYS B 232 19.83 11.80 2.79
N THR B 233 19.43 10.98 1.83
CA THR B 233 19.34 9.50 2.04
C THR B 233 20.75 8.94 2.26
N ILE B 234 21.71 9.44 1.48
CA ILE B 234 23.16 9.06 1.52
C ILE B 234 23.71 9.43 2.90
N ASP B 235 23.39 10.63 3.36
CA ASP B 235 23.95 11.18 4.61
C ASP B 235 23.43 10.37 5.82
N GLU B 236 22.11 10.33 5.99
CA GLU B 236 21.40 9.56 7.06
C GLU B 236 21.75 8.07 6.97
N GLY B 237 22.06 7.58 5.76
CA GLY B 237 22.48 6.19 5.47
C GLY B 237 23.87 5.89 6.04
N ASP B 238 24.65 6.93 6.40
CA ASP B 238 25.97 6.78 7.10
C ASP B 238 27.09 6.51 6.10
N ALA B 239 26.94 6.91 4.84
CA ALA B 239 28.06 6.90 3.87
C ALA B 239 29.21 7.76 4.41
N ASP B 240 30.44 7.46 4.00
CA ASP B 240 31.68 8.17 4.47
C ASP B 240 31.83 9.49 3.69
N GLU B 241 32.73 10.40 4.15
CA GLU B 241 32.82 11.77 3.60
C GLU B 241 33.34 11.73 2.17
N VAL B 242 34.26 10.84 1.85
CA VAL B 242 34.85 10.75 0.48
C VAL B 242 33.70 10.45 -0.51
N THR B 243 32.76 9.59 -0.11
CA THR B 243 31.62 9.14 -0.96
C THR B 243 30.63 10.30 -1.16
N LYS B 244 30.29 10.99 -0.06
CA LYS B 244 29.37 12.17 -0.06
C LYS B 244 29.89 13.29 -0.96
N GLU B 245 31.17 13.65 -0.82
CA GLU B 245 31.74 14.82 -1.55
C GLU B 245 31.96 14.36 -3.00
N ARG B 246 31.96 13.05 -3.21
CA ARG B 246 32.25 12.45 -4.53
C ARG B 246 31.02 12.49 -5.45
N ILE B 247 29.80 12.58 -4.90
CA ILE B 247 28.59 12.69 -5.76
C ILE B 247 28.44 14.16 -6.22
N HIS B 248 29.54 14.93 -6.25
CA HIS B 248 29.70 16.20 -7.02
C HIS B 248 31.18 16.61 -7.23
N ASP B 249 32.14 15.67 -7.19
CA ASP B 249 33.60 15.92 -7.38
C ASP B 249 34.04 15.38 -8.75
N HIS B 250 33.43 14.28 -9.17
CA HIS B 250 33.14 13.90 -10.59
C HIS B 250 31.66 14.23 -10.83
N LYS B 251 31.05 13.69 -11.90
CA LYS B 251 29.57 13.50 -11.99
C LYS B 251 29.29 12.01 -12.28
N GLU B 252 29.73 11.11 -11.40
CA GLU B 252 29.41 9.66 -11.55
C GLU B 252 27.92 9.50 -11.26
N LYS B 253 27.44 8.30 -11.51
CA LYS B 253 26.03 7.89 -11.41
C LYS B 253 25.91 6.96 -10.21
N PRO B 254 25.49 7.44 -9.02
CA PRO B 254 25.21 6.57 -7.88
C PRO B 254 23.90 5.77 -8.06
N GLY B 255 23.96 4.44 -7.94
CA GLY B 255 22.80 3.56 -8.21
C GLY B 255 22.05 3.14 -6.94
N ALA B 256 22.72 2.56 -5.95
CA ALA B 256 22.05 1.94 -4.80
C ALA B 256 22.87 2.11 -3.52
N LEU B 257 22.19 2.20 -2.38
CA LEU B 257 22.78 2.23 -1.03
C LEU B 257 22.60 0.85 -0.42
N TRP B 258 23.71 0.18 -0.06
CA TRP B 258 23.69 -1.13 0.62
C TRP B 258 24.04 -0.92 2.09
N HIS B 259 23.51 -1.74 2.97
CA HIS B 259 24.10 -2.01 4.29
C HIS B 259 24.40 -3.51 4.39
N ILE B 260 25.65 -3.85 4.68
CA ILE B 260 26.14 -5.25 4.80
C ILE B 260 26.65 -5.45 6.23
N TYR B 261 26.42 -6.62 6.79
CA TYR B 261 26.84 -7.02 8.17
C TYR B 261 27.67 -8.29 8.07
N ALA B 262 28.64 -8.43 8.99
CA ALA B 262 29.43 -9.67 9.06
C ALA B 262 28.58 -10.92 9.38
N ALA B 263 28.90 -12.05 8.76
CA ALA B 263 28.23 -13.35 9.01
C ALA B 263 28.21 -13.64 10.52
N LYS B 264 29.28 -13.30 11.27
CA LYS B 264 29.34 -13.58 12.73
C LYS B 264 28.35 -12.73 13.54
N ASP B 265 27.75 -11.66 12.99
CA ASP B 265 26.80 -10.74 13.68
C ASP B 265 25.35 -11.10 13.36
N ALA B 266 25.07 -12.17 12.60
CA ALA B 266 23.68 -12.50 12.19
C ALA B 266 22.80 -12.75 13.45
N GLU B 267 23.27 -13.50 14.44
CA GLU B 267 22.39 -13.91 15.57
C GLU B 267 22.08 -12.70 16.44
N LYS B 268 23.01 -11.75 16.58
CA LYS B 268 22.75 -10.49 17.31
C LYS B 268 21.67 -9.71 16.55
N ILE B 269 21.66 -9.75 15.22
CA ILE B 269 20.62 -9.01 14.44
C ILE B 269 19.28 -9.71 14.69
N ARG B 270 19.26 -11.05 14.75
CA ARG B 270 17.98 -11.78 14.95
C ARG B 270 17.42 -11.41 16.34
N GLU B 271 18.28 -11.32 17.34
CA GLU B 271 17.87 -10.99 18.74
C GLU B 271 17.16 -9.63 18.71
N LEU B 272 17.77 -8.62 18.07
CA LEU B 272 17.18 -7.26 17.98
C LEU B 272 15.79 -7.34 17.34
N LEU B 273 15.64 -8.01 16.20
CA LEU B 273 14.39 -7.96 15.41
C LEU B 273 13.29 -8.83 16.04
N ARG B 274 13.63 -9.89 16.80
CA ARG B 274 12.65 -10.61 17.68
C ARG B 274 12.06 -9.61 18.70
N LYS B 275 12.92 -8.86 19.40
CA LYS B 275 12.49 -7.86 20.41
C LYS B 275 11.56 -6.84 19.73
N VAL B 276 12.02 -6.20 18.64
CA VAL B 276 11.26 -5.10 17.97
C VAL B 276 9.92 -5.63 17.45
N GLY B 277 9.90 -6.84 16.89
CA GLY B 277 8.67 -7.49 16.41
C GLY B 277 7.69 -7.70 17.56
N GLU B 278 8.20 -8.06 18.74
CA GLU B 278 7.40 -8.24 19.98
C GLU B 278 6.82 -6.87 20.38
N GLU B 279 7.66 -5.82 20.40
CA GLU B 279 7.27 -4.42 20.71
C GLU B 279 6.15 -3.98 19.75
N GLN B 280 6.20 -4.40 18.48
CA GLN B 280 5.27 -3.90 17.43
C GLN B 280 4.00 -4.76 17.31
N GLY B 281 3.79 -5.75 18.19
CA GLY B 281 2.55 -6.56 18.20
C GLY B 281 2.79 -8.02 17.88
N GLN B 282 3.63 -8.31 16.88
CA GLN B 282 3.85 -9.68 16.31
C GLN B 282 3.88 -10.72 17.44
N GLU B 283 3.32 -11.91 17.19
CA GLU B 283 3.33 -13.06 18.13
C GLU B 283 4.10 -14.21 17.46
N ASN B 284 5.43 -14.20 17.60
CA ASN B 284 6.36 -15.15 16.95
C ASN B 284 6.94 -16.06 18.03
N PRO B 285 7.24 -17.36 17.73
CA PRO B 285 7.98 -18.21 18.66
C PRO B 285 9.38 -17.66 18.98
N PRO B 286 10.03 -18.10 20.08
CA PRO B 286 11.35 -17.59 20.45
C PRO B 286 12.44 -18.03 19.46
N ASP B 287 12.11 -19.03 18.63
CA ASP B 287 12.94 -19.68 17.57
C ASP B 287 12.92 -18.85 16.29
N HIS B 288 11.92 -18.00 16.13
CA HIS B 288 11.60 -17.30 14.86
C HIS B 288 12.87 -16.64 14.28
N ASP B 289 12.99 -16.66 12.94
CA ASP B 289 14.20 -16.15 12.21
C ASP B 289 13.78 -14.97 11.33
N PRO B 290 13.90 -13.73 11.84
CA PRO B 290 13.53 -12.53 11.07
C PRO B 290 14.40 -12.25 9.83
N ILE B 291 15.61 -12.82 9.77
CA ILE B 291 16.50 -12.70 8.57
C ILE B 291 15.93 -13.64 7.48
N HIS B 292 15.55 -14.87 7.84
CA HIS B 292 14.89 -15.85 6.93
C HIS B 292 13.58 -15.25 6.39
N ASP B 293 12.83 -14.53 7.23
CA ASP B 293 11.53 -13.91 6.84
C ASP B 293 11.67 -12.87 5.73
N GLN B 294 12.82 -12.17 5.60
CA GLN B 294 13.04 -11.17 4.52
C GLN B 294 11.96 -10.06 4.59
N SER B 295 11.50 -9.71 5.79
CA SER B 295 10.36 -8.78 6.05
C SER B 295 10.84 -7.42 6.60
N TRP B 296 12.12 -7.26 6.91
CA TRP B 296 12.70 -6.07 7.58
C TRP B 296 13.59 -5.24 6.66
N TYR B 297 13.52 -3.93 6.81
CA TYR B 297 14.56 -3.00 6.32
C TYR B 297 15.06 -2.18 7.51
N LEU B 298 16.37 -2.21 7.80
CA LEU B 298 16.95 -1.45 8.93
C LEU B 298 17.06 0.04 8.54
N ASP B 299 16.14 0.86 9.07
CA ASP B 299 16.13 2.33 8.90
C ASP B 299 17.14 2.94 9.85
N GLN B 300 17.29 4.26 9.83
CA GLN B 300 18.30 4.91 10.70
C GLN B 300 18.04 4.54 12.15
N THR B 301 16.78 4.55 12.59
CA THR B 301 16.42 4.26 14.00
C THR B 301 16.94 2.86 14.37
N LEU B 302 16.65 1.86 13.53
CA LEU B 302 17.05 0.46 13.84
C LEU B 302 18.58 0.31 13.75
N ARG B 303 19.27 0.92 12.78
CA ARG B 303 20.75 0.79 12.65
C ARG B 303 21.44 1.35 13.92
N LYS B 304 20.94 2.47 14.44
CA LYS B 304 21.53 3.13 15.64
C LYS B 304 21.34 2.21 16.85
N ARG B 305 20.14 1.68 17.03
CA ARG B 305 19.78 0.75 18.12
C ARG B 305 20.61 -0.54 18.03
N LEU B 306 20.87 -1.06 16.82
CA LEU B 306 21.73 -2.27 16.62
C LEU B 306 23.12 -1.96 17.16
N TYR B 307 23.69 -0.81 16.85
CA TYR B 307 25.05 -0.42 17.30
C TYR B 307 25.10 -0.21 18.82
N GLU B 308 24.17 0.60 19.34
N GLU B 308 24.16 0.55 19.37
CA GLU B 308 24.01 0.97 20.77
CA GLU B 308 24.15 0.94 20.81
C GLU B 308 23.87 -0.32 21.61
C GLU B 308 23.85 -0.31 21.68
N GLU B 309 22.82 -1.09 21.34
CA GLU B 309 22.45 -2.29 22.15
C GLU B 309 23.41 -3.46 21.92
N TYR B 310 23.91 -3.74 20.71
CA TYR B 310 24.58 -5.05 20.45
C TYR B 310 26.03 -4.88 20.02
N GLY B 311 26.50 -3.66 19.75
CA GLY B 311 27.90 -3.41 19.33
C GLY B 311 28.13 -3.64 17.84
N VAL B 312 27.07 -3.88 17.06
CA VAL B 312 27.19 -4.26 15.61
C VAL B 312 27.15 -3.02 14.73
N GLN B 313 28.17 -2.80 13.90
CA GLN B 313 28.33 -1.61 13.01
C GLN B 313 27.91 -1.91 11.55
N GLY B 314 28.56 -2.82 10.85
CA GLY B 314 28.24 -3.01 9.40
C GLY B 314 28.77 -1.91 8.48
N TRP B 315 28.63 -2.11 7.17
CA TRP B 315 29.29 -1.32 6.11
C TRP B 315 28.18 -0.64 5.30
N ALA B 316 28.19 0.69 5.21
CA ALA B 316 27.26 1.49 4.36
C ALA B 316 28.00 1.75 3.04
N ILE B 317 27.53 1.16 1.94
CA ILE B 317 28.24 1.20 0.62
C ILE B 317 27.32 1.84 -0.42
N VAL B 318 27.83 2.80 -1.19
CA VAL B 318 27.16 3.34 -2.41
C VAL B 318 27.77 2.67 -3.63
N GLN B 319 26.93 1.91 -4.34
CA GLN B 319 27.30 1.18 -5.57
C GLN B 319 26.99 2.12 -6.74
N PHE B 320 28.03 2.59 -7.40
CA PHE B 320 27.94 3.42 -8.62
C PHE B 320 27.90 2.53 -9.87
N LEU B 321 27.61 3.11 -11.05
CA LEU B 321 27.72 2.41 -12.35
C LEU B 321 29.09 1.72 -12.47
N GLY B 322 29.09 0.41 -12.74
CA GLY B 322 30.29 -0.41 -12.99
C GLY B 322 30.89 -0.99 -11.71
N ASP B 323 30.36 -0.68 -10.53
CA ASP B 323 30.86 -1.22 -9.23
C ASP B 323 30.37 -2.67 -9.07
N ALA B 324 31.28 -3.58 -8.75
CA ALA B 324 31.00 -4.97 -8.35
C ALA B 324 31.17 -5.08 -6.86
N VAL B 325 30.11 -5.51 -6.15
CA VAL B 325 30.11 -5.71 -4.70
C VAL B 325 30.22 -7.21 -4.43
N PHE B 326 31.26 -7.62 -3.70
CA PHE B 326 31.49 -9.04 -3.31
C PHE B 326 30.91 -9.23 -1.92
N ILE B 327 30.00 -10.18 -1.76
CA ILE B 327 29.17 -10.45 -0.54
C ILE B 327 29.52 -11.83 0.02
N PRO B 328 30.15 -11.93 1.21
CA PRO B 328 30.49 -13.22 1.81
C PRO B 328 29.23 -14.03 2.11
N ALA B 329 29.29 -15.35 1.89
CA ALA B 329 28.20 -16.28 2.30
C ALA B 329 27.77 -16.01 3.77
N GLY B 330 26.47 -15.86 4.00
CA GLY B 330 25.92 -15.68 5.35
C GLY B 330 26.01 -14.25 5.88
N ALA B 331 26.57 -13.28 5.13
CA ALA B 331 26.63 -11.85 5.57
C ALA B 331 25.23 -11.29 5.34
N PRO B 332 24.47 -10.89 6.39
CA PRO B 332 23.18 -10.24 6.12
C PRO B 332 23.32 -8.90 5.38
N HIS B 333 22.40 -8.61 4.46
CA HIS B 333 22.50 -7.37 3.66
C HIS B 333 21.11 -6.92 3.15
N GLN B 334 21.03 -5.63 2.90
CA GLN B 334 19.81 -4.95 2.37
C GLN B 334 20.23 -3.97 1.28
N VAL B 335 19.34 -3.64 0.35
CA VAL B 335 19.63 -2.74 -0.80
C VAL B 335 18.51 -1.70 -0.94
N HIS B 336 18.87 -0.43 -1.15
CA HIS B 336 17.91 0.71 -1.34
C HIS B 336 18.27 1.44 -2.61
N ASN B 337 17.53 1.27 -3.71
CA ASN B 337 17.88 1.96 -4.98
C ASN B 337 17.65 3.49 -4.87
N LEU B 338 18.68 4.27 -5.16
CA LEU B 338 18.67 5.76 -5.21
C LEU B 338 18.06 6.22 -6.53
N TYR B 339 18.40 5.59 -7.63
CA TYR B 339 17.87 5.82 -8.98
C TYR B 339 17.47 4.44 -9.56
N SER B 340 16.84 4.40 -10.73
CA SER B 340 16.47 3.12 -11.40
C SER B 340 17.77 2.38 -11.75
N CYS B 341 17.84 1.09 -11.41
CA CYS B 341 19.09 0.28 -11.56
C CYS B 341 18.85 -1.02 -12.33
N ILE B 342 19.83 -1.42 -13.16
CA ILE B 342 19.98 -2.81 -13.68
C ILE B 342 21.23 -3.42 -13.01
N LYS B 343 21.07 -4.47 -12.23
CA LYS B 343 22.23 -5.19 -11.62
C LYS B 343 22.25 -6.64 -12.12
N VAL B 344 23.44 -7.27 -12.20
CA VAL B 344 23.49 -8.72 -12.51
C VAL B 344 24.37 -9.38 -11.45
N ALA B 345 23.92 -10.49 -10.87
CA ALA B 345 24.64 -11.17 -9.77
C ALA B 345 25.00 -12.62 -10.14
N GLU B 346 26.17 -13.11 -9.69
CA GLU B 346 26.59 -14.53 -9.89
C GLU B 346 27.03 -15.12 -8.54
N ASP B 347 26.49 -16.28 -8.18
CA ASP B 347 26.87 -17.02 -6.96
C ASP B 347 28.15 -17.83 -7.28
N PHE B 348 28.98 -18.07 -6.25
CA PHE B 348 30.22 -18.90 -6.35
C PHE B 348 30.52 -19.48 -4.96
N VAL B 349 31.52 -20.39 -4.85
CA VAL B 349 31.97 -20.95 -3.55
C VAL B 349 33.49 -20.83 -3.42
N SER B 350 33.97 -19.92 -2.56
CA SER B 350 35.45 -19.78 -2.29
C SER B 350 35.88 -20.81 -1.23
N PRO B 351 37.14 -21.30 -1.30
CA PRO B 351 37.68 -22.17 -0.25
C PRO B 351 37.62 -21.53 1.14
N GLU B 352 37.82 -20.23 1.20
CA GLU B 352 37.87 -19.42 2.46
C GLU B 352 36.55 -19.62 3.23
N HIS B 353 35.42 -19.77 2.51
CA HIS B 353 34.07 -19.77 3.13
C HIS B 353 33.37 -21.14 2.98
N VAL B 354 34.05 -22.23 2.64
CA VAL B 354 33.37 -23.54 2.40
C VAL B 354 32.70 -24.10 3.66
N LYS B 355 33.25 -23.89 4.84
CA LYS B 355 32.60 -24.36 6.11
C LYS B 355 31.27 -23.64 6.32
N HIS B 356 31.27 -22.30 6.13
CA HIS B 356 30.03 -21.49 6.18
C HIS B 356 28.98 -22.01 5.20
N CYS B 357 29.34 -22.26 3.92
CA CYS B 357 28.43 -22.75 2.88
C CYS B 357 27.76 -24.07 3.32
N PHE B 358 28.51 -24.96 3.99
CA PHE B 358 27.92 -26.25 4.50
C PHE B 358 26.90 -25.95 5.60
N ARG B 359 27.25 -25.13 6.59
CA ARG B 359 26.37 -24.83 7.76
C ARG B 359 25.13 -24.05 7.27
N LEU B 360 25.31 -23.08 6.36
CA LEU B 360 24.15 -22.30 5.86
C LEU B 360 23.21 -23.17 5.03
N THR B 361 23.70 -24.14 4.26
CA THR B 361 22.87 -25.03 3.45
C THR B 361 22.04 -25.92 4.42
N GLN B 362 22.71 -26.40 5.44
CA GLN B 362 22.06 -27.24 6.50
C GLN B 362 20.87 -26.43 7.07
N GLU B 363 21.12 -25.19 7.46
CA GLU B 363 20.13 -24.35 8.18
C GLU B 363 19.00 -24.07 7.20
N PHE B 364 19.30 -23.78 5.92
CA PHE B 364 18.25 -23.47 4.92
C PHE B 364 17.32 -24.67 4.82
N ARG B 365 17.86 -25.88 4.69
CA ARG B 365 17.05 -27.13 4.66
C ARG B 365 16.18 -27.23 5.94
N HIS B 366 16.75 -26.98 7.12
CA HIS B 366 15.99 -27.02 8.41
C HIS B 366 14.84 -25.99 8.40
N LEU B 367 15.09 -24.75 7.95
CA LEU B 367 14.05 -23.68 7.92
C LEU B 367 12.99 -24.00 6.86
N SER B 368 13.29 -24.84 5.87
CA SER B 368 12.41 -25.18 4.73
C SER B 368 11.22 -26.04 5.17
N ASN B 369 11.46 -27.07 5.98
CA ASN B 369 10.42 -28.07 6.35
C ASN B 369 10.22 -28.09 7.88
#